data_8EXU
#
_entry.id   8EXU
#
_cell.length_a   58.641
_cell.length_b   133.719
_cell.length_c   140.952
_cell.angle_alpha   90.000
_cell.angle_beta   90.000
_cell.angle_gamma   90.000
#
_symmetry.space_group_name_H-M   'P 21 21 21'
#
loop_
_entity.id
_entity.type
_entity.pdbx_description
1 polymer 'Phosphatidylinositol 4,5-bisphosphate 3-kinase catalytic subunit alpha isoform'
2 non-polymer (2S)-2-cyclopropyl-2-({(4S,11aM)-2-[(4S)-2-oxo-4-(trifluoromethyl)-1,3-oxazolidin-3-yl]-5,6-dihydroimidazo[1,2-d][1,4]benzoxazepin-9-yl}amino)acetamide
3 water water
#
_entity_poly.entity_id   1
_entity_poly.type   'polypeptide(L)'
_entity_poly.pdbx_seq_one_letter_code
;MSYYHHHHHHDYDIPTTENLYFQGAMGSGELWGIHLMPPRILVECLLPNGMIVTLECLREATLITIKHELFKEARKYPLH
QLLQDESSYIFVSVTQEAEREEFFDETRRLCDLRLFQPFLKVIEPVENLYFQGGNREEKILNREIGFAIGMPVCEFDMVK
DPEVQDFRRNILNVCKEAVDLRDLNSPHSRAMYVYPPNVESSPELPKHIYNKLDKGQIIVVIWVIVSPNNDKQKYTLKIN
HDCVPEQVIAEAIRKKTRSMLLSSEQLKLCVLEYQGKYILKVCGCDEYFLEKYPLSQYKYIRSCIMLGRMPNLMLMAKES
LYSQLPMDCFTMPSYSRRISTATPYMNGETSTKSLWVINSALRIKILCATYVNVNIRDIDKIYVRTGIYHGGEPLCDNVN
TQRVPCSNPRWNEWLNYDIYIPDLPRAARLCLSICSVKGRKGAKEEHCPLAWGNINLFDYTDTLVSGKMALNLWPVPHGL
EDLLNPIGVTGSNPNKETPCLELEFDWFSSVVKFPDMSVIEEHANWSVSREAGFSYSHAGLSNRLARDNELRENDKEQLK
AISTRDPLSEITEQEKDFLWSHRHYCVTIPEILPKLLLSVKWNSRDEVAQMYCLVKDWPPIKPEQAMELLDCNYPDPMVR
GFAVRCLEKYLTDDKLSQYLIQLVQVLKYEQYLDNLLVRFLLKKALTNQRIGHFFFWHLKSEMHNKTVSQRFGLLLESYC
RACGMYLKHLNRQVEAMEKLINLTDILKQEKKDETQKVQMKFLVEQMRRPDFMDALQGFLSPLNPAHQLGNLRLEECRIM
SSAKRPLWLNWENPDIMSELLFQNNEIIFKNGDDLRQDMLTLQIIRIMENIWQNQGLDLRMLPYGCLSIGDCVGLIEVVR
NSHTIMQIQCKGGLKGALQFNSHTLHQWLKDKNKGEIYDAAIDLFTRSCAGYCVATFILGIGDRHNSNIMVKDDGQLFHI
DFGHFLDHKKKKFGYKRERVPFVLTQDFLIVISKGAQECTKTREFERFQEMCYKAYLAIRQHANLFINLFSMMLGSGMPE
LQSFDDIAYIRKTLALDKTEQEALEYFMKQMNDAHHGGWT
;
_entity_poly.pdbx_strand_id   A
#
# COMPACT_ATOMS: atom_id res chain seq x y z
N ASN A 135 -9.97 -2.37 36.87
CA ASN A 135 -8.54 -2.05 36.82
C ASN A 135 -7.64 -3.29 36.65
N ARG A 136 -8.02 -4.45 37.25
CA ARG A 136 -7.24 -5.69 37.08
C ARG A 136 -7.31 -6.15 35.61
N GLU A 137 -8.51 -6.06 35.00
CA GLU A 137 -8.75 -6.41 33.60
C GLU A 137 -8.02 -5.41 32.68
N GLU A 138 -8.03 -4.09 33.04
CA GLU A 138 -7.33 -3.05 32.27
C GLU A 138 -5.81 -3.29 32.26
N LYS A 139 -5.24 -3.64 33.43
CA LYS A 139 -3.82 -3.93 33.59
C LYS A 139 -3.38 -5.08 32.68
N ILE A 140 -4.19 -6.18 32.65
CA ILE A 140 -3.98 -7.38 31.82
C ILE A 140 -4.10 -7.04 30.33
N LEU A 141 -5.16 -6.30 29.96
CA LEU A 141 -5.40 -5.87 28.59
C LEU A 141 -4.22 -5.03 28.10
N ASN A 142 -3.75 -4.05 28.92
CA ASN A 142 -2.59 -3.18 28.62
C ASN A 142 -1.32 -3.96 28.35
N ARG A 143 -1.18 -5.13 29.02
CA ARG A 143 -0.03 -6.02 28.84
C ARG A 143 -0.14 -6.73 27.48
N GLU A 144 -1.36 -7.17 27.10
CA GLU A 144 -1.66 -7.81 25.80
C GLU A 144 -1.33 -6.86 24.65
N ILE A 145 -1.78 -5.58 24.75
CA ILE A 145 -1.53 -4.53 23.76
C ILE A 145 -0.03 -4.20 23.71
N GLY A 146 0.59 -4.11 24.88
CA GLY A 146 2.02 -3.86 24.98
C GLY A 146 2.82 -4.91 24.25
N PHE A 147 2.43 -6.20 24.42
CA PHE A 147 3.06 -7.33 23.73
C PHE A 147 2.84 -7.24 22.22
N ALA A 148 1.63 -6.85 21.77
CA ALA A 148 1.27 -6.74 20.36
C ALA A 148 2.05 -5.63 19.66
N ILE A 149 2.05 -4.42 20.23
CA ILE A 149 2.74 -3.25 19.68
C ILE A 149 4.27 -3.35 19.77
N GLY A 150 4.75 -4.03 20.81
CA GLY A 150 6.17 -4.21 21.05
C GLY A 150 6.77 -3.08 21.87
N MET A 151 5.93 -2.42 22.68
CA MET A 151 6.32 -1.34 23.59
C MET A 151 5.26 -1.19 24.67
N PRO A 152 5.62 -0.78 25.91
CA PRO A 152 4.58 -0.68 26.95
C PRO A 152 3.67 0.54 26.78
N VAL A 153 2.36 0.31 26.91
CA VAL A 153 1.25 1.27 26.89
C VAL A 153 1.55 2.48 27.82
N CYS A 154 2.16 2.22 29.00
CA CYS A 154 2.54 3.26 29.97
C CYS A 154 3.44 4.35 29.37
N GLU A 155 4.27 4.00 28.36
CA GLU A 155 5.14 4.97 27.66
C GLU A 155 4.31 6.05 26.94
N PHE A 156 3.06 5.72 26.57
CA PHE A 156 2.11 6.64 25.96
C PHE A 156 1.53 7.55 27.02
N ASP A 157 1.10 6.97 28.17
CA ASP A 157 0.57 7.67 29.33
C ASP A 157 1.50 8.77 29.86
N MET A 158 2.84 8.61 29.65
CA MET A 158 3.89 9.55 30.08
C MET A 158 4.12 10.70 29.07
N VAL A 159 3.60 10.57 27.83
CA VAL A 159 3.77 11.62 26.82
C VAL A 159 3.01 12.89 27.24
N LYS A 160 3.76 13.96 27.53
CA LYS A 160 3.23 15.26 27.93
C LYS A 160 2.43 15.95 26.82
N ASP A 161 2.84 15.76 25.54
CA ASP A 161 2.24 16.38 24.34
C ASP A 161 0.70 16.27 24.31
N PRO A 162 -0.03 17.42 24.37
CA PRO A 162 -1.51 17.37 24.40
C PRO A 162 -2.15 16.73 23.17
N GLU A 163 -1.46 16.79 22.02
CA GLU A 163 -1.98 16.20 20.79
C GLU A 163 -2.10 14.70 20.92
N VAL A 164 -1.06 14.06 21.50
CA VAL A 164 -0.94 12.63 21.75
C VAL A 164 -2.06 12.17 22.70
N GLN A 165 -2.31 12.95 23.76
CA GLN A 165 -3.33 12.57 24.74
C GLN A 165 -4.74 12.80 24.24
N ASP A 166 -4.90 13.74 23.28
CA ASP A 166 -6.18 14.02 22.66
C ASP A 166 -6.49 12.95 21.65
N PHE A 167 -5.47 12.46 20.91
CA PHE A 167 -5.64 11.40 19.94
C PHE A 167 -6.19 10.18 20.68
N ARG A 168 -5.45 9.69 21.70
CA ARG A 168 -5.80 8.56 22.56
C ARG A 168 -7.25 8.59 23.04
N ARG A 169 -7.71 9.74 23.51
CA ARG A 169 -9.07 9.94 23.98
C ARG A 169 -10.09 10.03 22.81
N ASN A 170 -9.91 11.01 21.90
CA ASN A 170 -10.82 11.31 20.80
C ASN A 170 -10.98 10.22 19.76
N ILE A 171 -9.99 9.36 19.55
CA ILE A 171 -10.10 8.28 18.56
C ILE A 171 -11.05 7.13 19.02
N LEU A 172 -11.41 7.08 20.32
CA LEU A 172 -12.25 6.03 20.91
C LEU A 172 -13.68 6.03 20.42
N ASN A 173 -14.14 7.09 19.73
CA ASN A 173 -15.50 7.10 19.18
C ASN A 173 -15.57 6.19 17.96
N VAL A 174 -14.48 6.15 17.17
CA VAL A 174 -14.35 5.26 16.03
C VAL A 174 -14.38 3.83 16.57
N CYS A 175 -13.66 3.57 17.69
CA CYS A 175 -13.61 2.29 18.39
C CYS A 175 -15.04 1.87 18.78
N LYS A 176 -15.81 2.80 19.42
CA LYS A 176 -17.19 2.63 19.84
C LYS A 176 -18.12 2.32 18.65
N GLU A 177 -18.11 3.18 17.60
CA GLU A 177 -18.93 3.02 16.40
C GLU A 177 -18.76 1.62 15.80
N ALA A 178 -17.48 1.21 15.57
CA ALA A 178 -17.10 -0.08 15.01
C ALA A 178 -17.67 -1.26 15.81
N VAL A 179 -17.56 -1.20 17.15
CA VAL A 179 -18.10 -2.22 18.06
C VAL A 179 -19.65 -2.23 17.95
N ASP A 180 -20.28 -1.05 17.85
CA ASP A 180 -21.73 -0.92 17.71
C ASP A 180 -22.28 -1.59 16.42
N LEU A 181 -21.54 -1.47 15.29
CA LEU A 181 -21.87 -2.08 13.99
C LEU A 181 -21.73 -3.58 14.05
N ARG A 182 -20.72 -4.07 14.78
CA ARG A 182 -20.45 -5.48 14.98
C ARG A 182 -21.53 -6.14 15.85
N ASP A 183 -22.09 -5.40 16.83
CA ASP A 183 -23.14 -5.99 17.66
C ASP A 183 -24.53 -5.51 17.21
N LEU A 184 -24.62 -4.97 15.99
CA LEU A 184 -25.87 -4.51 15.39
C LEU A 184 -26.81 -5.66 15.07
N ASN A 185 -26.29 -6.72 14.44
CA ASN A 185 -27.09 -7.91 14.08
C ASN A 185 -26.38 -9.21 14.52
N SER A 186 -26.08 -9.31 15.83
CA SER A 186 -25.39 -10.46 16.44
C SER A 186 -26.24 -11.73 16.39
N PRO A 187 -25.70 -12.93 16.08
CA PRO A 187 -24.29 -13.29 15.83
C PRO A 187 -23.77 -13.00 14.43
N HIS A 188 -24.67 -12.94 13.42
CA HIS A 188 -24.31 -12.71 12.02
C HIS A 188 -23.33 -11.57 11.80
N SER A 189 -23.64 -10.36 12.33
CA SER A 189 -22.79 -9.18 12.18
C SER A 189 -21.38 -9.37 12.76
N ARG A 190 -21.27 -10.18 13.84
CA ARG A 190 -19.99 -10.53 14.47
C ARG A 190 -19.24 -11.52 13.55
N ALA A 191 -19.98 -12.52 13.00
CA ALA A 191 -19.42 -13.53 12.07
C ALA A 191 -18.88 -12.84 10.81
N MET A 192 -19.63 -11.83 10.32
CA MET A 192 -19.28 -11.03 9.14
C MET A 192 -18.04 -10.20 9.39
N TYR A 193 -17.80 -9.78 10.64
CA TYR A 193 -16.61 -9.03 11.00
C TYR A 193 -15.35 -9.94 10.98
N VAL A 194 -15.44 -11.12 11.62
CA VAL A 194 -14.37 -12.12 11.75
C VAL A 194 -14.10 -12.86 10.44
N TYR A 195 -15.16 -13.24 9.71
CA TYR A 195 -15.06 -13.95 8.42
C TYR A 195 -15.75 -13.14 7.32
N PRO A 196 -15.20 -11.97 6.90
CA PRO A 196 -15.89 -11.19 5.85
C PRO A 196 -15.87 -11.92 4.51
N PRO A 197 -16.92 -11.75 3.68
CA PRO A 197 -16.92 -12.44 2.39
C PRO A 197 -15.72 -12.01 1.56
N ASN A 198 -14.95 -12.98 1.06
CA ASN A 198 -13.82 -12.66 0.21
C ASN A 198 -14.35 -12.66 -1.23
N VAL A 199 -14.94 -11.53 -1.58
CA VAL A 199 -15.63 -11.27 -2.86
C VAL A 199 -14.93 -10.25 -3.78
N GLU A 200 -15.27 -10.33 -5.06
CA GLU A 200 -14.78 -9.44 -6.10
C GLU A 200 -15.56 -8.13 -6.04
N SER A 201 -15.04 -7.06 -6.65
CA SER A 201 -15.73 -5.78 -6.64
C SER A 201 -16.98 -5.76 -7.51
N SER A 202 -17.03 -6.61 -8.57
CA SER A 202 -18.17 -6.67 -9.48
C SER A 202 -18.67 -8.08 -9.77
N PRO A 203 -20.02 -8.30 -9.81
CA PRO A 203 -20.54 -9.64 -10.15
C PRO A 203 -20.34 -10.03 -11.61
N GLU A 204 -20.17 -9.05 -12.53
CA GLU A 204 -19.95 -9.26 -13.97
C GLU A 204 -18.69 -10.09 -14.26
N LEU A 205 -18.82 -11.12 -15.13
CA LEU A 205 -17.71 -12.00 -15.50
C LEU A 205 -17.19 -11.69 -16.90
N PRO A 206 -15.85 -11.48 -17.08
CA PRO A 206 -15.30 -11.23 -18.43
C PRO A 206 -15.64 -12.39 -19.38
N LYS A 207 -15.95 -12.06 -20.64
CA LYS A 207 -16.36 -12.98 -21.71
C LYS A 207 -15.61 -14.32 -21.69
N HIS A 208 -14.27 -14.28 -21.71
CA HIS A 208 -13.43 -15.49 -21.71
C HIS A 208 -13.56 -16.35 -20.44
N ILE A 209 -13.93 -15.73 -19.28
CA ILE A 209 -14.13 -16.39 -18.00
C ILE A 209 -15.53 -17.05 -17.97
N TYR A 210 -16.56 -16.34 -18.48
CA TYR A 210 -17.93 -16.86 -18.59
C TYR A 210 -17.97 -18.03 -19.58
N ASN A 211 -17.16 -17.96 -20.66
CA ASN A 211 -17.03 -18.98 -21.70
C ASN A 211 -16.42 -20.29 -21.19
N LYS A 212 -15.77 -20.25 -20.00
CA LYS A 212 -15.17 -21.41 -19.35
C LYS A 212 -16.25 -22.25 -18.63
N LEU A 213 -17.46 -21.69 -18.50
CA LEU A 213 -18.62 -22.31 -17.89
C LEU A 213 -19.45 -23.06 -18.94
N ASP A 214 -20.07 -24.18 -18.52
CA ASP A 214 -20.95 -24.97 -19.38
C ASP A 214 -22.33 -24.30 -19.38
N LYS A 215 -22.65 -23.57 -20.47
CA LYS A 215 -23.91 -22.83 -20.66
C LYS A 215 -24.27 -21.97 -19.44
N GLY A 216 -23.26 -21.24 -18.95
CA GLY A 216 -23.35 -20.37 -17.77
C GLY A 216 -23.49 -21.08 -16.45
N GLN A 217 -23.14 -22.39 -16.42
CA GLN A 217 -23.23 -23.22 -15.21
C GLN A 217 -21.89 -23.76 -14.75
N ILE A 218 -21.78 -24.07 -13.44
CA ILE A 218 -20.57 -24.57 -12.78
C ILE A 218 -20.80 -25.85 -11.94
N ILE A 219 -19.85 -26.82 -12.07
CA ILE A 219 -19.81 -28.07 -11.31
C ILE A 219 -19.17 -27.71 -9.95
N VAL A 220 -19.91 -27.95 -8.85
CA VAL A 220 -19.51 -27.61 -7.48
C VAL A 220 -19.64 -28.85 -6.59
N VAL A 221 -18.61 -29.14 -5.79
CA VAL A 221 -18.65 -30.27 -4.84
C VAL A 221 -18.97 -29.75 -3.43
N ILE A 222 -20.00 -30.31 -2.81
CA ILE A 222 -20.43 -29.96 -1.45
C ILE A 222 -20.26 -31.14 -0.54
N TRP A 223 -19.52 -30.91 0.55
CA TRP A 223 -19.17 -31.90 1.55
C TRP A 223 -19.99 -31.73 2.79
N VAL A 224 -20.47 -32.86 3.31
CA VAL A 224 -21.27 -32.94 4.54
C VAL A 224 -20.56 -33.93 5.46
N ILE A 225 -20.32 -33.51 6.72
CA ILE A 225 -19.78 -34.37 7.77
C ILE A 225 -21.03 -34.81 8.55
N VAL A 226 -21.32 -36.11 8.58
CA VAL A 226 -22.56 -36.57 9.20
C VAL A 226 -22.31 -37.68 10.25
N SER A 227 -21.68 -38.79 9.81
CA SER A 227 -21.39 -39.96 10.66
C SER A 227 -20.29 -39.68 11.70
N PRO A 228 -20.27 -40.38 12.88
CA PRO A 228 -19.16 -40.17 13.84
C PRO A 228 -17.83 -40.60 13.23
N ASN A 229 -16.71 -40.10 13.81
CA ASN A 229 -15.32 -40.29 13.32
C ASN A 229 -15.11 -39.44 12.03
N ASN A 230 -16.03 -38.47 11.82
CA ASN A 230 -16.11 -37.51 10.72
C ASN A 230 -16.02 -38.14 9.32
N ASP A 231 -17.01 -39.01 8.98
CA ASP A 231 -17.12 -39.62 7.65
C ASP A 231 -17.60 -38.53 6.69
N LYS A 232 -16.84 -38.29 5.61
CA LYS A 232 -17.09 -37.24 4.65
C LYS A 232 -17.89 -37.71 3.43
N GLN A 233 -19.04 -37.05 3.19
CA GLN A 233 -19.95 -37.34 2.08
C GLN A 233 -19.89 -36.20 1.09
N LYS A 234 -19.67 -36.51 -0.20
CA LYS A 234 -19.64 -35.50 -1.26
C LYS A 234 -20.89 -35.56 -2.14
N TYR A 235 -21.36 -34.38 -2.59
CA TYR A 235 -22.54 -34.21 -3.43
C TYR A 235 -22.21 -33.21 -4.52
N THR A 236 -22.00 -33.73 -5.73
CA THR A 236 -21.63 -32.95 -6.92
C THR A 236 -22.87 -32.27 -7.50
N LEU A 237 -22.83 -30.94 -7.61
CA LEU A 237 -23.92 -30.11 -8.11
C LEU A 237 -23.52 -29.39 -9.39
N LYS A 238 -24.46 -29.24 -10.35
CA LYS A 238 -24.24 -28.46 -11.56
C LYS A 238 -25.32 -27.38 -11.52
N ILE A 239 -24.94 -26.20 -11.05
CA ILE A 239 -25.83 -25.05 -10.86
C ILE A 239 -25.36 -23.81 -11.65
N ASN A 240 -26.24 -22.78 -11.78
CA ASN A 240 -25.89 -21.51 -12.43
C ASN A 240 -24.84 -20.83 -11.59
N HIS A 241 -23.83 -20.20 -12.24
CA HIS A 241 -22.70 -19.53 -11.60
C HIS A 241 -23.09 -18.42 -10.62
N ASP A 242 -24.24 -17.77 -10.85
CA ASP A 242 -24.73 -16.64 -10.06
C ASP A 242 -25.73 -17.05 -8.95
N CYS A 243 -25.68 -18.31 -8.52
CA CYS A 243 -26.52 -18.83 -7.43
C CYS A 243 -26.08 -18.24 -6.09
N VAL A 244 -27.05 -17.86 -5.26
CA VAL A 244 -26.82 -17.33 -3.93
C VAL A 244 -26.50 -18.57 -3.03
N PRO A 245 -25.54 -18.51 -2.06
CA PRO A 245 -25.24 -19.71 -1.25
C PRO A 245 -26.44 -20.51 -0.73
N GLU A 246 -27.56 -19.83 -0.41
CA GLU A 246 -28.80 -20.42 0.09
C GLU A 246 -29.42 -21.40 -0.92
N GLN A 247 -29.31 -21.09 -2.23
CA GLN A 247 -29.78 -21.95 -3.32
C GLN A 247 -28.83 -23.15 -3.47
N VAL A 248 -27.53 -22.91 -3.25
CA VAL A 248 -26.45 -23.91 -3.34
C VAL A 248 -26.64 -24.95 -2.23
N ILE A 249 -26.96 -24.49 -1.00
CA ILE A 249 -27.22 -25.33 0.17
C ILE A 249 -28.47 -26.21 -0.08
N ALA A 250 -29.59 -25.60 -0.54
CA ALA A 250 -30.86 -26.29 -0.82
C ALA A 250 -30.71 -27.39 -1.87
N GLU A 251 -29.92 -27.11 -2.93
CA GLU A 251 -29.63 -28.08 -3.98
C GLU A 251 -28.84 -29.25 -3.39
N ALA A 252 -27.88 -28.97 -2.48
CA ALA A 252 -27.10 -30.01 -1.81
C ALA A 252 -28.01 -30.89 -0.93
N ILE A 253 -28.97 -30.27 -0.20
CA ILE A 253 -29.94 -30.97 0.65
C ILE A 253 -30.85 -31.82 -0.25
N ARG A 254 -31.24 -31.28 -1.43
CA ARG A 254 -32.05 -32.01 -2.41
C ARG A 254 -31.31 -33.29 -2.86
N LYS A 255 -30.00 -33.16 -3.19
N LYS A 255 -30.00 -33.16 -3.19
CA LYS A 255 -29.15 -34.28 -3.61
CA LYS A 255 -29.14 -34.27 -3.60
C LYS A 255 -28.89 -35.29 -2.48
C LYS A 255 -28.90 -35.29 -2.48
N LYS A 256 -28.80 -34.81 -1.22
CA LYS A 256 -28.60 -35.63 -0.03
C LYS A 256 -29.89 -36.40 0.27
N THR A 257 -31.06 -35.76 0.05
CA THR A 257 -32.38 -36.34 0.24
C THR A 257 -32.69 -37.35 -0.88
N ARG A 258 -32.26 -37.05 -2.13
CA ARG A 258 -32.44 -37.93 -3.29
C ARG A 258 -31.77 -39.31 -3.10
N SER A 259 -30.90 -39.42 -2.07
CA SER A 259 -30.19 -40.65 -1.67
C SER A 259 -31.00 -41.52 -0.69
N MET A 260 -32.17 -41.03 -0.23
CA MET A 260 -33.04 -41.76 0.69
C MET A 260 -34.17 -42.44 -0.06
N TYR A 274 -34.40 -25.17 7.56
CA TYR A 274 -33.37 -26.12 7.16
C TYR A 274 -32.27 -25.49 6.29
N GLN A 275 -32.66 -24.76 5.23
CA GLN A 275 -31.71 -24.10 4.31
C GLN A 275 -30.91 -22.97 5.00
N GLY A 276 -31.58 -22.19 5.85
CA GLY A 276 -31.00 -21.09 6.59
C GLY A 276 -30.44 -21.47 7.96
N LYS A 277 -30.17 -22.77 8.16
CA LYS A 277 -29.60 -23.34 9.39
C LYS A 277 -28.17 -23.85 9.13
N TYR A 278 -27.65 -23.55 7.93
CA TYR A 278 -26.32 -23.91 7.43
C TYR A 278 -25.61 -22.73 6.75
N ILE A 279 -24.30 -22.90 6.49
CA ILE A 279 -23.42 -21.96 5.80
C ILE A 279 -22.39 -22.74 5.01
N LEU A 280 -21.84 -22.12 3.95
CA LEU A 280 -20.80 -22.76 3.14
C LEU A 280 -19.44 -22.20 3.54
N LYS A 281 -18.51 -23.12 3.76
CA LYS A 281 -17.13 -22.89 4.15
C LYS A 281 -16.24 -23.46 3.03
N VAL A 282 -15.08 -22.84 2.72
CA VAL A 282 -14.16 -23.38 1.72
C VAL A 282 -13.41 -24.55 2.40
N CYS A 283 -13.38 -25.74 1.75
CA CYS A 283 -12.64 -26.91 2.27
C CYS A 283 -11.17 -26.54 2.36
N GLY A 284 -10.57 -26.80 3.51
CA GLY A 284 -9.14 -26.58 3.70
C GLY A 284 -8.72 -25.32 4.42
N CYS A 285 -9.60 -24.29 4.49
CA CYS A 285 -9.30 -23.02 5.16
C CYS A 285 -10.53 -22.34 5.76
N ASP A 286 -10.29 -21.39 6.70
CA ASP A 286 -11.34 -20.61 7.36
C ASP A 286 -11.84 -19.47 6.47
N GLU A 287 -12.52 -19.82 5.38
CA GLU A 287 -13.15 -18.90 4.44
C GLU A 287 -14.61 -19.33 4.39
N TYR A 288 -15.53 -18.38 4.60
CA TYR A 288 -16.96 -18.66 4.67
C TYR A 288 -17.73 -17.80 3.69
N PHE A 289 -18.93 -18.28 3.30
CA PHE A 289 -19.84 -17.60 2.37
C PHE A 289 -21.10 -17.21 3.18
N LEU A 290 -20.94 -16.19 4.03
CA LEU A 290 -21.96 -15.67 4.96
C LEU A 290 -22.96 -14.71 4.34
N GLU A 291 -22.59 -14.05 3.22
CA GLU A 291 -23.48 -13.08 2.57
C GLU A 291 -24.05 -13.59 1.24
N LYS A 292 -25.24 -13.07 0.88
CA LYS A 292 -25.98 -13.42 -0.32
C LYS A 292 -25.35 -12.72 -1.53
N TYR A 293 -24.27 -13.29 -2.08
CA TYR A 293 -23.60 -12.80 -3.28
C TYR A 293 -23.72 -13.89 -4.36
N PRO A 294 -23.73 -13.57 -5.68
CA PRO A 294 -23.68 -14.65 -6.70
C PRO A 294 -22.41 -15.49 -6.42
N LEU A 295 -22.50 -16.82 -6.49
CA LEU A 295 -21.38 -17.71 -6.16
C LEU A 295 -20.04 -17.30 -6.82
N SER A 296 -20.07 -17.02 -8.14
CA SER A 296 -18.93 -16.61 -8.98
C SER A 296 -18.22 -15.30 -8.53
N GLN A 297 -18.89 -14.50 -7.66
CA GLN A 297 -18.33 -13.27 -7.13
C GLN A 297 -17.36 -13.55 -5.97
N TYR A 298 -17.46 -14.73 -5.34
CA TYR A 298 -16.49 -15.06 -4.31
C TYR A 298 -15.19 -15.40 -5.04
N LYS A 299 -14.07 -14.81 -4.60
CA LYS A 299 -12.74 -14.95 -5.21
C LYS A 299 -12.29 -16.41 -5.39
N TYR A 300 -12.63 -17.30 -4.44
CA TYR A 300 -12.31 -18.70 -4.51
C TYR A 300 -13.00 -19.33 -5.74
N ILE A 301 -14.30 -19.07 -5.92
CA ILE A 301 -15.08 -19.60 -7.06
C ILE A 301 -14.53 -19.05 -8.38
N ARG A 302 -14.34 -17.72 -8.49
CA ARG A 302 -13.79 -17.08 -9.69
C ARG A 302 -12.42 -17.62 -10.04
N SER A 303 -11.59 -17.91 -9.01
CA SER A 303 -10.26 -18.48 -9.17
C SER A 303 -10.40 -19.90 -9.71
N CYS A 304 -11.37 -20.67 -9.17
CA CYS A 304 -11.63 -22.03 -9.63
C CYS A 304 -12.09 -22.08 -11.09
N ILE A 305 -12.85 -21.07 -11.55
CA ILE A 305 -13.30 -20.98 -12.96
C ILE A 305 -12.10 -20.62 -13.86
N MET A 306 -11.38 -19.54 -13.52
CA MET A 306 -10.18 -19.04 -14.21
C MET A 306 -9.08 -20.10 -14.39
N LEU A 307 -8.92 -21.03 -13.41
CA LEU A 307 -7.87 -22.07 -13.39
C LEU A 307 -8.35 -23.46 -13.83
N GLY A 308 -9.67 -23.63 -13.96
CA GLY A 308 -10.25 -24.91 -14.34
C GLY A 308 -10.09 -25.95 -13.25
N ARG A 309 -10.32 -25.51 -12.00
CA ARG A 309 -10.25 -26.32 -10.80
C ARG A 309 -11.67 -26.56 -10.26
N MET A 310 -11.85 -27.63 -9.47
CA MET A 310 -13.15 -27.96 -8.90
C MET A 310 -13.34 -27.29 -7.53
N PRO A 311 -14.39 -26.47 -7.34
CA PRO A 311 -14.61 -25.86 -6.03
C PRO A 311 -15.19 -26.87 -5.06
N ASN A 312 -14.58 -26.96 -3.88
CA ASN A 312 -14.96 -27.86 -2.81
C ASN A 312 -15.38 -27.05 -1.61
N LEU A 313 -16.70 -27.02 -1.35
CA LEU A 313 -17.26 -26.29 -0.21
C LEU A 313 -17.83 -27.26 0.81
N MET A 314 -17.70 -26.93 2.08
CA MET A 314 -18.18 -27.74 3.17
C MET A 314 -19.41 -27.12 3.82
N LEU A 315 -20.48 -27.92 3.95
CA LEU A 315 -21.74 -27.52 4.58
C LEU A 315 -21.49 -27.61 6.08
N MET A 316 -21.70 -26.49 6.77
CA MET A 316 -21.48 -26.36 8.20
C MET A 316 -22.68 -25.70 8.86
N ALA A 317 -23.09 -26.20 10.02
CA ALA A 317 -24.22 -25.60 10.77
C ALA A 317 -23.82 -24.21 11.28
N LYS A 318 -24.72 -23.21 11.10
CA LYS A 318 -24.50 -21.83 11.55
C LYS A 318 -24.10 -21.76 13.03
N GLU A 319 -24.75 -22.58 13.88
CA GLU A 319 -24.46 -22.65 15.31
C GLU A 319 -23.09 -23.27 15.63
N SER A 320 -22.48 -24.02 14.70
CA SER A 320 -21.14 -24.58 14.90
C SER A 320 -20.08 -23.50 14.73
N LEU A 321 -20.38 -22.46 13.91
CA LEU A 321 -19.49 -21.33 13.69
C LEU A 321 -19.73 -20.27 14.76
N TYR A 322 -21.02 -19.92 14.99
CA TYR A 322 -21.48 -18.90 15.94
C TYR A 322 -20.95 -19.12 17.35
N SER A 323 -21.02 -20.37 17.87
CA SER A 323 -20.56 -20.72 19.22
C SER A 323 -19.05 -20.59 19.37
N GLN A 324 -18.30 -20.70 18.25
CA GLN A 324 -16.85 -20.54 18.21
C GLN A 324 -16.42 -19.06 18.15
N LEU A 325 -17.38 -18.12 17.97
CA LEU A 325 -17.11 -16.68 17.92
C LEU A 325 -17.35 -16.06 19.31
N PRO A 326 -16.28 -15.77 20.08
CA PRO A 326 -16.49 -15.21 21.42
C PRO A 326 -17.03 -13.80 21.45
N MET A 327 -17.83 -13.50 22.48
CA MET A 327 -18.38 -12.16 22.70
C MET A 327 -17.28 -11.35 23.35
N ASP A 328 -16.90 -10.24 22.73
CA ASP A 328 -15.88 -9.36 23.29
C ASP A 328 -16.46 -8.00 23.58
N CYS A 329 -16.64 -7.71 24.87
CA CYS A 329 -17.17 -6.43 25.32
C CYS A 329 -16.03 -5.42 25.36
N PHE A 330 -16.16 -4.36 24.57
CA PHE A 330 -15.20 -3.28 24.48
C PHE A 330 -15.41 -2.37 25.69
N THR A 331 -14.36 -2.22 26.49
CA THR A 331 -14.36 -1.39 27.70
C THR A 331 -13.58 -0.12 27.40
N MET A 332 -14.14 1.05 27.76
CA MET A 332 -13.50 2.34 27.57
C MET A 332 -12.33 2.44 28.55
N PRO A 333 -11.11 2.76 28.06
CA PRO A 333 -9.94 2.82 28.97
C PRO A 333 -10.00 3.98 29.96
N SER A 334 -9.16 3.91 31.03
CA SER A 334 -9.07 4.93 32.09
C SER A 334 -8.95 6.35 31.54
N TYR A 335 -8.13 6.51 30.48
CA TYR A 335 -7.83 7.79 29.85
C TYR A 335 -9.00 8.40 29.05
N SER A 336 -10.15 7.70 28.91
CA SER A 336 -11.36 8.22 28.26
C SER A 336 -11.86 9.41 29.09
N ARG A 337 -11.77 9.27 30.42
CA ARG A 337 -12.16 10.25 31.42
C ARG A 337 -11.03 11.28 31.65
N ARG A 338 -11.05 12.38 30.85
CA ARG A 338 -10.11 13.50 30.95
C ARG A 338 -10.30 14.20 32.31
N THR A 350 -4.68 38.89 27.66
CA THR A 350 -4.66 38.29 26.32
C THR A 350 -6.07 38.19 25.70
N SER A 351 -6.15 37.68 24.45
CA SER A 351 -7.39 37.50 23.68
C SER A 351 -7.22 36.32 22.69
N THR A 352 -8.17 36.14 21.76
CA THR A 352 -8.14 35.15 20.68
C THR A 352 -8.53 35.89 19.39
N LYS A 353 -7.57 35.99 18.46
CA LYS A 353 -7.80 36.69 17.19
C LYS A 353 -7.69 35.74 16.01
N SER A 354 -8.38 36.05 14.92
CA SER A 354 -8.33 35.28 13.69
C SER A 354 -7.08 35.66 12.93
N LEU A 355 -6.47 34.68 12.23
CA LEU A 355 -5.26 34.84 11.42
C LEU A 355 -5.39 35.99 10.40
N TRP A 356 -6.59 36.17 9.85
CA TRP A 356 -6.86 37.19 8.83
C TRP A 356 -6.94 38.63 9.37
N VAL A 357 -6.62 38.81 10.65
CA VAL A 357 -6.64 40.10 11.34
C VAL A 357 -5.20 40.57 11.65
N ILE A 358 -4.24 39.62 11.73
CA ILE A 358 -2.85 39.91 12.02
C ILE A 358 -2.20 40.55 10.80
N ASN A 359 -2.21 41.90 10.77
CA ASN A 359 -1.67 42.71 9.70
C ASN A 359 -0.14 42.81 9.85
N SER A 360 0.57 41.72 9.56
CA SER A 360 2.03 41.65 9.66
C SER A 360 2.66 40.59 8.73
N ALA A 361 3.92 40.83 8.33
CA ALA A 361 4.73 39.91 7.53
C ALA A 361 5.21 38.78 8.46
N LEU A 362 5.52 37.62 7.88
CA LEU A 362 5.97 36.49 8.66
C LEU A 362 7.46 36.59 9.00
N ARG A 363 7.77 36.36 10.29
CA ARG A 363 9.11 36.31 10.83
C ARG A 363 9.20 35.20 11.85
N ILE A 364 10.36 34.56 11.90
CA ILE A 364 10.70 33.46 12.82
C ILE A 364 12.13 33.77 13.25
N LYS A 365 12.37 33.74 14.57
CA LYS A 365 13.68 33.95 15.18
C LYS A 365 14.37 32.61 15.38
N ILE A 366 15.67 32.55 15.09
CA ILE A 366 16.53 31.39 15.25
C ILE A 366 17.54 31.79 16.29
N LEU A 367 17.47 31.11 17.45
CA LEU A 367 18.30 31.44 18.60
C LEU A 367 19.68 30.79 18.54
N CYS A 368 19.74 29.47 18.74
CA CYS A 368 20.99 28.70 18.78
C CYS A 368 20.75 27.20 18.52
N ALA A 369 21.83 26.43 18.47
CA ALA A 369 21.80 25.01 18.25
C ALA A 369 22.67 24.28 19.28
N THR A 370 22.13 23.18 19.82
CA THR A 370 22.81 22.35 20.81
C THR A 370 23.01 20.96 20.21
N TYR A 371 23.98 20.18 20.73
CA TYR A 371 24.33 18.84 20.26
C TYR A 371 24.84 18.86 18.81
N VAL A 372 25.63 19.90 18.46
CA VAL A 372 26.22 20.00 17.13
C VAL A 372 27.66 19.46 17.21
N ASN A 373 27.76 18.14 17.37
CA ASN A 373 29.02 17.43 17.45
C ASN A 373 29.46 17.08 16.02
N VAL A 374 30.48 17.80 15.53
CA VAL A 374 31.03 17.62 14.18
C VAL A 374 32.55 17.59 14.20
N ASN A 375 33.15 17.14 13.09
CA ASN A 375 34.58 17.07 12.88
C ASN A 375 35.06 18.47 12.45
N ILE A 376 35.97 19.06 13.24
CA ILE A 376 36.51 20.41 12.99
C ILE A 376 37.49 20.44 11.80
N ILE A 379 34.31 19.75 8.47
CA ILE A 379 33.25 20.74 8.72
C ILE A 379 33.81 22.00 9.42
N ASP A 380 33.43 23.18 8.92
CA ASP A 380 33.87 24.47 9.45
C ASP A 380 32.64 25.39 9.67
N LYS A 381 32.49 26.51 8.89
CA LYS A 381 31.37 27.48 8.98
C LYS A 381 29.99 26.88 8.71
N ILE A 382 29.03 27.08 9.64
CA ILE A 382 27.64 26.58 9.59
C ILE A 382 26.56 27.69 9.67
N TYR A 383 25.36 27.40 9.10
CA TYR A 383 24.21 28.31 9.09
C TYR A 383 22.92 27.51 9.08
N VAL A 384 21.79 28.17 9.37
CA VAL A 384 20.45 27.55 9.29
C VAL A 384 19.69 28.11 8.06
N ARG A 385 19.32 27.21 7.13
CA ARG A 385 18.53 27.51 5.94
C ARG A 385 17.07 27.27 6.27
N THR A 386 16.20 28.26 5.97
CA THR A 386 14.77 28.11 6.24
C THR A 386 13.92 28.41 5.01
N GLY A 387 12.75 27.77 4.96
CA GLY A 387 11.79 27.94 3.90
C GLY A 387 10.37 27.71 4.39
N ILE A 388 9.42 28.41 3.76
CA ILE A 388 8.00 28.24 4.08
C ILE A 388 7.39 27.42 2.95
N TYR A 389 6.90 26.22 3.30
CA TYR A 389 6.36 25.28 2.32
C TYR A 389 4.91 24.92 2.53
N HIS A 390 4.25 24.55 1.43
CA HIS A 390 2.89 24.02 1.36
C HIS A 390 3.12 22.77 0.53
N GLY A 391 3.23 21.65 1.22
CA GLY A 391 3.62 20.37 0.63
C GLY A 391 5.07 20.53 0.21
N GLY A 392 5.31 20.38 -1.09
CA GLY A 392 6.64 20.57 -1.65
C GLY A 392 6.81 21.93 -2.30
N GLU A 393 5.68 22.67 -2.47
CA GLU A 393 5.66 23.97 -3.11
C GLU A 393 6.14 25.08 -2.18
N PRO A 394 7.22 25.79 -2.57
CA PRO A 394 7.67 26.93 -1.76
C PRO A 394 6.64 28.05 -1.80
N LEU A 395 6.35 28.63 -0.62
CA LEU A 395 5.39 29.74 -0.53
C LEU A 395 6.03 31.10 -0.68
N CYS A 396 7.36 31.18 -0.52
CA CYS A 396 8.18 32.38 -0.64
C CYS A 396 9.64 31.98 -0.92
N ASP A 397 10.55 32.96 -0.98
CA ASP A 397 11.98 32.71 -1.15
C ASP A 397 12.53 32.10 0.14
N ASN A 398 13.54 31.21 0.01
CA ASN A 398 14.18 30.61 1.17
C ASN A 398 15.06 31.66 1.87
N VAL A 399 15.02 31.71 3.21
CA VAL A 399 15.80 32.67 4.02
C VAL A 399 16.82 31.94 4.92
N ASN A 400 18.11 32.31 4.76
CA ASN A 400 19.25 31.76 5.52
C ASN A 400 19.68 32.72 6.60
N THR A 401 20.29 32.18 7.67
CA THR A 401 20.86 32.96 8.78
C THR A 401 22.28 33.37 8.39
N GLN A 402 22.92 34.24 9.20
CA GLN A 402 24.32 34.61 8.97
C GLN A 402 25.19 33.40 9.33
N ARG A 403 26.35 33.26 8.66
CA ARG A 403 27.27 32.14 8.89
C ARG A 403 27.95 32.29 10.26
N VAL A 404 28.10 31.17 10.95
CA VAL A 404 28.67 31.09 12.29
C VAL A 404 29.62 29.87 12.35
N PRO A 405 30.63 29.78 13.26
CA PRO A 405 31.45 28.56 13.29
C PRO A 405 30.72 27.44 14.03
N CYS A 406 30.97 26.18 13.65
CA CYS A 406 30.33 25.02 14.28
C CYS A 406 30.69 24.88 15.77
N SER A 407 31.82 25.48 16.20
CA SER A 407 32.31 25.50 17.58
C SER A 407 31.40 26.33 18.51
N ASN A 408 30.58 27.23 17.92
CA ASN A 408 29.61 28.07 18.63
C ASN A 408 28.37 28.36 17.75
N PRO A 409 27.36 27.44 17.71
CA PRO A 409 26.18 27.65 16.88
C PRO A 409 25.17 28.58 17.54
N ARG A 410 25.41 29.90 17.41
CA ARG A 410 24.54 30.92 17.97
C ARG A 410 24.19 31.93 16.89
N TRP A 411 22.91 32.26 16.75
CA TRP A 411 22.47 33.22 15.74
C TRP A 411 21.73 34.40 16.33
N ASN A 412 20.77 34.16 17.27
CA ASN A 412 19.87 35.14 17.87
C ASN A 412 19.47 36.16 16.76
N GLU A 413 18.84 35.63 15.69
CA GLU A 413 18.51 36.36 14.48
C GLU A 413 17.07 36.17 13.99
N TRP A 414 16.42 37.29 13.62
CA TRP A 414 15.08 37.27 13.04
C TRP A 414 15.20 37.09 11.54
N LEU A 415 14.44 36.15 11.00
CA LEU A 415 14.40 35.90 9.56
C LEU A 415 13.05 36.40 9.07
N ASN A 416 13.07 37.32 8.08
CA ASN A 416 11.86 37.91 7.49
C ASN A 416 11.54 37.20 6.19
N TYR A 417 10.30 36.73 6.07
CA TYR A 417 9.84 36.00 4.90
C TYR A 417 8.92 36.85 4.06
N ASP A 418 8.94 36.64 2.74
CA ASP A 418 8.09 37.38 1.80
C ASP A 418 6.66 36.79 1.77
N ILE A 419 5.99 36.82 2.94
CA ILE A 419 4.64 36.29 3.11
C ILE A 419 3.89 37.02 4.27
N TYR A 420 2.70 37.50 3.96
CA TYR A 420 1.76 38.19 4.83
C TYR A 420 1.17 37.07 5.70
N ILE A 421 1.08 37.26 7.05
CA ILE A 421 0.57 36.25 7.99
C ILE A 421 -0.86 35.81 7.57
N PRO A 422 -1.82 36.70 7.19
CA PRO A 422 -3.14 36.20 6.71
C PRO A 422 -3.10 35.33 5.44
N ASP A 423 -2.01 35.40 4.66
CA ASP A 423 -1.86 34.62 3.42
C ASP A 423 -1.42 33.16 3.61
N LEU A 424 -0.93 32.85 4.82
CA LEU A 424 -0.49 31.51 5.22
C LEU A 424 -1.59 30.47 5.06
N PRO A 425 -1.40 29.43 4.20
CA PRO A 425 -2.43 28.38 4.09
C PRO A 425 -2.45 27.50 5.34
N ARG A 426 -3.55 26.77 5.56
CA ARG A 426 -3.71 25.88 6.71
C ARG A 426 -2.56 24.87 6.86
N ALA A 427 -2.06 24.31 5.73
CA ALA A 427 -0.98 23.31 5.76
C ALA A 427 0.44 23.90 5.68
N ALA A 428 0.60 25.22 5.91
CA ALA A 428 1.91 25.89 5.89
C ALA A 428 2.88 25.26 6.89
N ARG A 429 4.11 25.05 6.43
CA ARG A 429 5.16 24.47 7.25
C ARG A 429 6.44 25.25 7.11
N LEU A 430 7.23 25.27 8.20
CA LEU A 430 8.57 25.85 8.23
C LEU A 430 9.49 24.65 8.00
N CYS A 431 10.30 24.73 6.96
CA CYS A 431 11.27 23.70 6.63
C CYS A 431 12.62 24.28 6.86
N LEU A 432 13.38 23.65 7.74
CA LEU A 432 14.71 24.14 8.06
C LEU A 432 15.78 23.06 8.01
N SER A 433 17.05 23.48 8.08
CA SER A 433 18.22 22.63 8.13
C SER A 433 19.45 23.40 8.54
N ILE A 434 20.40 22.72 9.21
CA ILE A 434 21.71 23.26 9.56
C ILE A 434 22.59 22.81 8.40
N CYS A 435 23.17 23.76 7.67
CA CYS A 435 24.02 23.51 6.51
C CYS A 435 25.44 23.93 6.80
N SER A 436 26.38 23.43 5.99
CA SER A 436 27.81 23.73 6.08
C SER A 436 28.34 24.19 4.73
N VAL A 437 29.39 25.05 4.74
CA VAL A 437 30.02 25.59 3.53
C VAL A 437 31.46 25.11 3.38
N GLU A 445 31.83 27.12 -3.90
CA GLU A 445 31.33 26.78 -2.56
C GLU A 445 30.46 25.53 -2.56
N GLU A 446 30.93 24.47 -1.88
CA GLU A 446 30.23 23.19 -1.73
C GLU A 446 29.35 23.21 -0.48
N HIS A 447 28.10 23.65 -0.63
CA HIS A 447 27.10 23.69 0.44
C HIS A 447 26.64 22.27 0.71
N CYS A 448 26.41 21.92 1.99
CA CYS A 448 25.96 20.58 2.34
C CYS A 448 25.06 20.57 3.58
N PRO A 449 23.87 19.90 3.53
CA PRO A 449 23.04 19.83 4.74
C PRO A 449 23.66 18.88 5.77
N LEU A 450 23.49 19.16 7.07
CA LEU A 450 24.05 18.32 8.13
C LEU A 450 22.96 17.66 8.95
N ALA A 451 21.86 18.41 9.18
CA ALA A 451 20.67 18.02 9.94
C ALA A 451 19.51 18.88 9.43
N TRP A 452 18.33 18.29 9.26
CA TRP A 452 17.14 18.97 8.76
C TRP A 452 15.96 18.77 9.74
N GLY A 453 14.87 19.51 9.52
CA GLY A 453 13.66 19.43 10.34
C GLY A 453 12.53 20.30 9.84
N ASN A 454 11.29 19.78 9.93
CA ASN A 454 10.05 20.46 9.49
C ASN A 454 9.06 20.70 10.64
N ILE A 455 8.34 21.83 10.57
CA ILE A 455 7.39 22.24 11.60
C ILE A 455 6.12 22.69 10.93
N ASN A 456 4.97 22.34 11.51
CA ASN A 456 3.67 22.83 11.08
C ASN A 456 3.53 24.24 11.69
N LEU A 457 3.17 25.25 10.85
CA LEU A 457 3.02 26.62 11.36
C LEU A 457 1.75 26.77 12.23
N PHE A 458 0.80 25.82 12.11
CA PHE A 458 -0.42 25.76 12.92
C PHE A 458 -0.45 24.42 13.63
N ASP A 459 -0.92 24.38 14.88
CA ASP A 459 -1.02 23.11 15.60
C ASP A 459 -2.34 22.41 15.25
N TYR A 460 -2.62 21.25 15.87
CA TYR A 460 -3.82 20.46 15.65
C TYR A 460 -5.10 21.18 16.00
N THR A 461 -5.01 22.19 16.88
CA THR A 461 -6.16 22.97 17.35
C THR A 461 -6.45 24.19 16.46
N ASP A 462 -5.66 24.36 15.36
CA ASP A 462 -5.73 25.42 14.34
C ASP A 462 -5.08 26.73 14.81
N THR A 463 -4.32 26.65 15.91
CA THR A 463 -3.58 27.75 16.57
C THR A 463 -2.24 27.97 15.87
N LEU A 464 -1.91 29.23 15.55
CA LEU A 464 -0.61 29.58 14.95
C LEU A 464 0.46 29.49 16.04
N VAL A 465 1.63 28.96 15.67
CA VAL A 465 2.75 28.76 16.61
C VAL A 465 3.20 30.09 17.22
N SER A 466 3.37 30.11 18.55
CA SER A 466 3.81 31.27 19.32
C SER A 466 4.87 30.89 20.34
N GLY A 467 5.74 31.83 20.66
CA GLY A 467 6.77 31.67 21.67
C GLY A 467 7.96 30.81 21.29
N LYS A 468 8.64 30.30 22.31
CA LYS A 468 9.86 29.48 22.20
C LYS A 468 9.54 28.00 21.92
N MET A 469 10.38 27.37 21.08
CA MET A 469 10.25 25.95 20.70
C MET A 469 11.61 25.36 20.35
N ALA A 470 11.89 24.16 20.85
CA ALA A 470 13.13 23.44 20.55
C ALA A 470 12.81 22.29 19.61
N LEU A 471 13.49 22.25 18.46
CA LEU A 471 13.29 21.21 17.43
C LEU A 471 14.51 20.30 17.26
N ASN A 472 14.36 19.01 17.63
CA ASN A 472 15.42 18.02 17.45
C ASN A 472 15.44 17.59 16.00
N LEU A 473 16.59 17.78 15.36
CA LEU A 473 16.78 17.59 13.93
C LEU A 473 17.09 16.14 13.55
N TRP A 474 16.94 15.83 12.25
CA TRP A 474 17.10 14.50 11.69
C TRP A 474 18.34 14.36 10.82
N PRO A 475 18.98 13.15 10.74
CA PRO A 475 20.15 13.00 9.86
C PRO A 475 19.77 12.99 8.38
N VAL A 476 20.64 13.53 7.54
CA VAL A 476 20.43 13.61 6.09
C VAL A 476 20.41 12.21 5.42
N PRO A 477 19.42 11.91 4.55
CA PRO A 477 19.40 10.57 3.94
C PRO A 477 20.34 10.48 2.75
N HIS A 478 21.18 9.42 2.73
CA HIS A 478 22.15 9.15 1.66
C HIS A 478 21.44 9.23 0.30
N GLY A 479 21.69 10.32 -0.40
CA GLY A 479 21.08 10.59 -1.70
C GLY A 479 20.49 11.98 -1.84
N LEU A 480 20.02 12.58 -0.72
CA LEU A 480 19.46 13.94 -0.73
C LEU A 480 20.60 14.96 -0.67
N GLU A 481 20.86 15.62 -1.82
CA GLU A 481 21.90 16.64 -1.95
C GLU A 481 21.32 18.03 -1.67
N ASP A 482 19.97 18.17 -1.80
CA ASP A 482 19.19 19.40 -1.56
C ASP A 482 19.36 19.85 -0.11
N LEU A 483 19.50 21.16 0.11
CA LEU A 483 19.72 21.75 1.44
C LEU A 483 18.51 21.61 2.38
N LEU A 484 17.27 21.66 1.84
CA LEU A 484 16.07 21.45 2.66
C LEU A 484 15.43 20.10 2.32
N ASN A 485 14.53 19.62 3.20
CA ASN A 485 13.83 18.36 3.02
C ASN A 485 12.30 18.53 3.29
N PRO A 486 11.55 19.31 2.45
CA PRO A 486 10.11 19.50 2.72
C PRO A 486 9.24 18.24 2.68
N ILE A 487 9.60 17.27 1.83
CA ILE A 487 8.85 16.02 1.69
C ILE A 487 9.33 15.01 2.78
N GLY A 488 10.16 15.51 3.69
CA GLY A 488 10.61 14.77 4.87
C GLY A 488 9.54 14.83 5.95
N VAL A 489 9.69 14.01 7.01
CA VAL A 489 8.74 13.98 8.12
C VAL A 489 8.69 15.34 8.86
N THR A 490 7.49 15.73 9.32
CA THR A 490 7.28 16.96 10.07
C THR A 490 7.20 16.59 11.55
N GLY A 491 7.88 17.36 12.38
CA GLY A 491 7.92 17.13 13.81
C GLY A 491 9.31 16.84 14.33
N SER A 492 9.49 17.06 15.64
CA SER A 492 10.75 16.88 16.37
C SER A 492 11.19 15.40 16.42
N ASN A 493 12.51 15.19 16.48
CA ASN A 493 13.12 13.86 16.51
C ASN A 493 12.92 13.26 17.89
N PRO A 494 12.31 12.04 18.01
CA PRO A 494 12.13 11.43 19.34
C PRO A 494 13.43 11.28 20.14
N ASN A 495 14.57 11.22 19.42
CA ASN A 495 15.92 11.11 19.98
C ASN A 495 16.42 12.52 20.31
N LYS A 496 16.59 12.78 21.61
CA LYS A 496 16.98 14.07 22.15
C LYS A 496 18.50 14.29 22.22
N GLU A 497 19.28 13.29 21.75
CA GLU A 497 20.74 13.38 21.69
C GLU A 497 21.11 13.60 20.22
N THR A 498 20.53 14.65 19.62
CA THR A 498 20.66 15.02 18.21
C THR A 498 20.70 16.54 18.10
N PRO A 499 21.23 17.14 17.00
CA PRO A 499 21.19 18.60 16.85
C PRO A 499 19.81 19.16 17.20
N CYS A 500 19.77 20.05 18.18
CA CYS A 500 18.54 20.64 18.67
C CYS A 500 18.60 22.11 18.40
N LEU A 501 17.62 22.61 17.64
CA LEU A 501 17.53 24.00 17.25
C LEU A 501 16.41 24.71 18.00
N GLU A 502 16.77 25.76 18.76
CA GLU A 502 15.83 26.59 19.50
C GLU A 502 15.39 27.72 18.61
N LEU A 503 14.06 27.91 18.53
CA LEU A 503 13.43 28.92 17.68
C LEU A 503 12.43 29.72 18.48
N GLU A 504 12.26 30.99 18.12
CA GLU A 504 11.27 31.86 18.72
C GLU A 504 10.30 32.31 17.62
N PHE A 505 9.02 32.26 17.95
CA PHE A 505 7.94 32.64 17.06
C PHE A 505 7.38 33.98 17.50
N ASP A 506 6.67 34.66 16.59
CA ASP A 506 6.14 36.00 16.86
C ASP A 506 5.02 36.02 17.90
N TRP A 507 4.98 37.11 18.71
CA TRP A 507 3.98 37.32 19.74
C TRP A 507 2.98 38.38 19.28
N PHE A 508 1.68 38.09 19.46
CA PHE A 508 0.61 38.99 19.04
C PHE A 508 -0.34 39.42 20.15
N SER A 509 0.05 39.21 21.44
CA SER A 509 -0.72 39.58 22.65
C SER A 509 -2.11 38.93 22.72
N SER A 510 -2.31 37.90 21.89
CA SER A 510 -3.52 37.10 21.76
C SER A 510 -3.20 35.78 21.06
N VAL A 511 -4.07 34.79 21.23
CA VAL A 511 -3.94 33.49 20.58
C VAL A 511 -4.47 33.66 19.14
N VAL A 512 -3.63 33.37 18.15
CA VAL A 512 -3.98 33.51 16.73
C VAL A 512 -4.48 32.16 16.23
N LYS A 513 -5.70 32.13 15.71
CA LYS A 513 -6.31 30.90 15.19
C LYS A 513 -6.66 31.03 13.72
N PHE A 514 -6.61 29.89 13.00
CA PHE A 514 -7.01 29.83 11.60
C PHE A 514 -8.52 30.14 11.54
N PRO A 515 -9.00 30.99 10.60
CA PRO A 515 -10.44 31.29 10.58
C PRO A 515 -11.36 30.07 10.36
N ASP A 516 -12.59 30.13 10.89
CA ASP A 516 -13.60 29.08 10.79
C ASP A 516 -14.03 28.95 9.34
N MET A 517 -14.76 27.86 8.99
CA MET A 517 -15.24 27.68 7.63
C MET A 517 -16.23 28.75 7.16
N SER A 518 -17.04 29.29 8.10
CA SER A 518 -18.02 30.33 7.85
C SER A 518 -17.34 31.64 7.40
N VAL A 519 -16.20 32.00 8.01
CA VAL A 519 -15.42 33.21 7.66
C VAL A 519 -14.84 33.00 6.25
N ILE A 520 -14.28 31.78 6.00
CA ILE A 520 -13.69 31.40 4.72
C ILE A 520 -14.73 31.43 3.60
N GLU A 521 -15.94 30.90 3.87
CA GLU A 521 -17.04 30.87 2.90
C GLU A 521 -17.51 32.26 2.56
N GLU A 522 -17.63 33.14 3.58
CA GLU A 522 -18.04 34.54 3.44
C GLU A 522 -17.04 35.30 2.54
N HIS A 523 -15.72 35.09 2.80
CA HIS A 523 -14.63 35.71 2.03
C HIS A 523 -14.58 35.15 0.61
N ALA A 524 -14.87 33.84 0.43
CA ALA A 524 -14.87 33.22 -0.90
C ALA A 524 -16.01 33.78 -1.75
N ASN A 525 -17.24 33.87 -1.18
CA ASN A 525 -18.41 34.39 -1.87
C ASN A 525 -18.30 35.89 -2.13
N TRP A 526 -17.50 36.61 -1.32
CA TRP A 526 -17.24 38.04 -1.50
C TRP A 526 -16.37 38.22 -2.77
N SER A 527 -15.37 37.32 -2.96
CA SER A 527 -14.42 37.31 -4.07
C SER A 527 -15.05 36.92 -5.40
N VAL A 528 -15.87 35.84 -5.41
CA VAL A 528 -16.62 35.36 -6.58
C VAL A 528 -17.53 36.50 -7.08
N SER A 529 -18.20 37.20 -6.15
CA SER A 529 -19.10 38.31 -6.41
C SER A 529 -18.35 39.53 -6.97
N ARG A 530 -17.20 39.90 -6.34
CA ARG A 530 -16.30 40.98 -6.74
C ARG A 530 -15.80 40.70 -8.15
N GLU A 531 -15.36 39.44 -8.41
CA GLU A 531 -14.82 38.97 -9.69
C GLU A 531 -15.83 38.97 -10.81
N ALA A 532 -17.10 38.67 -10.48
CA ALA A 532 -18.19 38.62 -11.45
C ALA A 532 -18.52 40.00 -12.00
N GLY A 533 -18.08 41.04 -11.28
CA GLY A 533 -18.28 42.43 -11.66
C GLY A 533 -17.10 43.03 -12.40
N PHE A 534 -16.05 42.22 -12.64
CA PHE A 534 -14.83 42.69 -13.30
C PHE A 534 -15.01 42.97 -14.79
N SER A 535 -14.72 44.23 -15.16
CA SER A 535 -14.73 44.75 -16.52
C SER A 535 -13.70 44.00 -17.42
N TYR A 536 -13.85 44.13 -18.75
CA TYR A 536 -12.96 43.51 -19.73
C TYR A 536 -11.51 43.84 -19.38
N SER A 537 -11.18 45.14 -19.26
CA SER A 537 -9.84 45.63 -18.97
C SER A 537 -9.28 45.15 -17.62
N HIS A 538 -10.12 45.06 -16.56
CA HIS A 538 -9.69 44.57 -15.27
C HIS A 538 -9.25 43.12 -15.40
N ALA A 539 -10.05 42.28 -16.08
CA ALA A 539 -9.75 40.86 -16.32
C ALA A 539 -8.43 40.72 -17.07
N GLY A 540 -8.14 41.69 -17.94
CA GLY A 540 -6.92 41.77 -18.73
C GLY A 540 -5.65 42.02 -17.96
N LEU A 541 -5.75 42.49 -16.69
CA LEU A 541 -4.55 42.76 -15.88
C LEU A 541 -3.82 41.47 -15.42
N SER A 542 -4.56 40.35 -15.31
CA SER A 542 -4.05 39.07 -14.83
C SER A 542 -4.52 37.90 -15.70
N ASN A 543 -3.58 36.97 -16.00
CA ASN A 543 -3.89 35.76 -16.76
C ASN A 543 -4.65 34.77 -15.89
N ARG A 544 -4.75 35.04 -14.57
CA ARG A 544 -5.47 34.25 -13.56
C ARG A 544 -6.93 34.72 -13.44
N LEU A 545 -7.30 35.79 -14.19
CA LEU A 545 -8.65 36.34 -14.21
C LEU A 545 -9.21 36.22 -15.63
N ALA A 546 -10.32 35.48 -15.79
CA ALA A 546 -10.98 35.33 -17.07
C ALA A 546 -12.45 35.76 -16.92
N ARG A 547 -13.15 35.93 -18.05
CA ARG A 547 -14.56 36.31 -18.04
C ARG A 547 -15.44 35.13 -18.43
N ASP A 548 -16.67 35.09 -17.87
CA ASP A 548 -17.67 34.04 -18.02
C ASP A 548 -18.03 33.72 -19.47
N ASN A 549 -18.60 34.70 -20.19
CA ASN A 549 -19.05 34.59 -21.57
C ASN A 549 -17.90 34.36 -22.58
N GLU A 550 -16.65 34.71 -22.21
CA GLU A 550 -15.46 34.56 -23.05
C GLU A 550 -14.94 33.11 -23.16
N LEU A 551 -15.54 32.15 -22.43
CA LEU A 551 -15.13 30.74 -22.45
C LEU A 551 -15.55 30.02 -23.75
N ARG A 552 -14.56 29.79 -24.63
CA ARG A 552 -14.74 29.15 -25.94
C ARG A 552 -14.57 27.62 -25.89
N GLU A 553 -15.06 26.91 -26.93
CA GLU A 553 -14.99 25.45 -27.03
C GLU A 553 -13.55 24.92 -27.12
N ASN A 554 -12.63 25.69 -27.75
CA ASN A 554 -11.22 25.33 -27.85
C ASN A 554 -10.58 25.28 -26.45
N ASP A 555 -10.98 26.23 -25.57
CA ASP A 555 -10.52 26.32 -24.19
C ASP A 555 -10.97 25.08 -23.42
N LYS A 556 -12.25 24.68 -23.60
CA LYS A 556 -12.89 23.51 -23.01
C LYS A 556 -12.20 22.23 -23.48
N GLU A 557 -11.70 22.23 -24.73
CA GLU A 557 -10.97 21.11 -25.33
C GLU A 557 -9.59 20.96 -24.69
N GLN A 558 -8.87 22.10 -24.51
CA GLN A 558 -7.55 22.17 -23.87
C GLN A 558 -7.67 21.65 -22.44
N LEU A 559 -8.76 22.03 -21.75
CA LEU A 559 -9.04 21.59 -20.38
C LEU A 559 -9.17 20.08 -20.30
N LYS A 560 -9.92 19.46 -21.23
CA LYS A 560 -10.09 18.01 -21.30
C LYS A 560 -8.72 17.34 -21.59
N ALA A 561 -7.90 17.92 -22.48
CA ALA A 561 -6.56 17.42 -22.81
C ALA A 561 -5.64 17.42 -21.58
N ILE A 562 -5.53 18.59 -20.86
CA ILE A 562 -4.75 18.74 -19.62
C ILE A 562 -5.17 17.68 -18.60
N SER A 563 -6.48 17.41 -18.45
CA SER A 563 -7.02 16.42 -17.51
C SER A 563 -6.58 14.97 -17.80
N THR A 564 -6.29 14.64 -19.08
CA THR A 564 -5.88 13.28 -19.48
C THR A 564 -4.38 13.01 -19.22
N ARG A 565 -3.59 14.07 -18.98
CA ARG A 565 -2.14 13.99 -18.72
C ARG A 565 -1.87 13.25 -17.42
N ASP A 566 -0.70 12.61 -17.32
CA ASP A 566 -0.33 11.83 -16.14
C ASP A 566 0.05 12.71 -14.94
N PRO A 567 0.05 12.18 -13.70
CA PRO A 567 0.38 13.03 -12.54
C PRO A 567 1.80 13.59 -12.49
N LEU A 568 2.72 13.12 -13.37
CA LEU A 568 4.11 13.56 -13.40
C LEU A 568 4.36 14.45 -14.59
N SER A 569 3.31 14.66 -15.42
CA SER A 569 3.37 15.57 -16.55
C SER A 569 3.43 16.97 -15.95
N GLU A 570 4.47 17.73 -16.32
CA GLU A 570 4.68 19.11 -15.83
C GLU A 570 3.56 20.02 -16.31
N ILE A 571 2.99 20.80 -15.39
CA ILE A 571 1.97 21.80 -15.71
C ILE A 571 2.69 23.15 -15.74
N THR A 572 2.71 23.78 -16.92
CA THR A 572 3.38 25.08 -17.09
C THR A 572 2.61 26.16 -16.37
N GLU A 573 3.30 27.27 -16.03
CA GLU A 573 2.74 28.46 -15.40
C GLU A 573 1.53 28.98 -16.22
N GLN A 574 1.62 28.88 -17.57
CA GLN A 574 0.54 29.28 -18.47
C GLN A 574 -0.70 28.41 -18.25
N GLU A 575 -0.53 27.08 -18.12
CA GLU A 575 -1.63 26.14 -17.88
C GLU A 575 -2.21 26.33 -16.46
N LYS A 576 -1.33 26.67 -15.49
CA LYS A 576 -1.73 26.94 -14.10
C LYS A 576 -2.68 28.11 -14.03
N ASP A 577 -2.34 29.23 -14.68
CA ASP A 577 -3.20 30.44 -14.78
C ASP A 577 -4.49 30.13 -15.53
N PHE A 578 -4.39 29.27 -16.56
CA PHE A 578 -5.48 28.85 -17.42
C PHE A 578 -6.51 28.03 -16.62
N LEU A 579 -6.08 26.88 -16.01
CA LEU A 579 -6.92 26.02 -15.16
C LEU A 579 -7.58 26.83 -14.04
N TRP A 580 -6.82 27.72 -13.36
CA TRP A 580 -7.39 28.52 -12.28
C TRP A 580 -8.47 29.51 -12.75
N SER A 581 -8.23 30.22 -13.86
CA SER A 581 -9.21 31.15 -14.40
C SER A 581 -10.49 30.41 -14.87
N HIS A 582 -10.38 29.11 -15.23
CA HIS A 582 -11.54 28.30 -15.63
C HIS A 582 -11.92 27.22 -14.59
N ARG A 583 -11.64 27.49 -13.31
CA ARG A 583 -11.93 26.61 -12.17
C ARG A 583 -13.41 26.19 -12.07
N HIS A 584 -14.38 27.10 -12.42
CA HIS A 584 -15.82 26.78 -12.35
C HIS A 584 -16.21 25.83 -13.47
N TYR A 585 -15.58 25.99 -14.66
CA TYR A 585 -15.82 25.04 -15.74
C TYR A 585 -15.24 23.68 -15.35
N CYS A 586 -14.09 23.67 -14.63
CA CYS A 586 -13.38 22.46 -14.18
C CYS A 586 -14.27 21.48 -13.41
N VAL A 587 -15.32 21.99 -12.75
CA VAL A 587 -16.31 21.22 -11.99
C VAL A 587 -17.07 20.27 -12.95
N THR A 588 -17.24 20.64 -14.25
CA THR A 588 -17.93 19.81 -15.26
C THR A 588 -17.08 18.57 -15.65
N ILE A 589 -15.74 18.66 -15.51
CA ILE A 589 -14.77 17.57 -15.76
C ILE A 589 -14.06 17.35 -14.41
N PRO A 590 -14.73 16.68 -13.44
CA PRO A 590 -14.18 16.63 -12.07
C PRO A 590 -12.85 15.93 -11.86
N GLU A 591 -12.42 15.04 -12.76
CA GLU A 591 -11.14 14.33 -12.63
C GLU A 591 -9.90 15.27 -12.78
N ILE A 592 -10.12 16.52 -13.24
CA ILE A 592 -9.06 17.52 -13.35
C ILE A 592 -8.66 18.10 -11.98
N LEU A 593 -9.44 17.81 -10.90
CA LEU A 593 -9.19 18.37 -9.58
C LEU A 593 -7.69 18.33 -9.15
N PRO A 594 -6.92 17.20 -9.25
CA PRO A 594 -5.48 17.26 -8.86
C PRO A 594 -4.64 18.30 -9.61
N LYS A 595 -4.95 18.56 -10.90
CA LYS A 595 -4.21 19.55 -11.70
C LYS A 595 -4.60 20.97 -11.30
N LEU A 596 -5.90 21.20 -11.08
CA LEU A 596 -6.44 22.48 -10.63
C LEU A 596 -5.83 22.86 -9.28
N LEU A 597 -5.71 21.88 -8.37
CA LEU A 597 -5.13 22.11 -7.04
C LEU A 597 -3.66 22.55 -7.08
N LEU A 598 -2.85 22.03 -8.03
CA LEU A 598 -1.46 22.43 -8.18
C LEU A 598 -1.29 23.78 -8.87
N SER A 599 -2.39 24.34 -9.38
CA SER A 599 -2.46 25.61 -10.08
C SER A 599 -2.82 26.77 -9.13
N VAL A 600 -3.34 26.42 -7.94
CA VAL A 600 -3.77 27.34 -6.88
C VAL A 600 -2.56 28.09 -6.31
N LYS A 601 -2.72 29.39 -6.00
CA LYS A 601 -1.69 30.20 -5.38
C LYS A 601 -1.97 30.00 -3.90
N TRP A 602 -1.36 28.94 -3.33
CA TRP A 602 -1.57 28.51 -1.95
C TRP A 602 -1.15 29.58 -0.92
N ASN A 603 -0.39 30.58 -1.37
CA ASN A 603 0.05 31.72 -0.56
C ASN A 603 -0.87 32.97 -0.74
N SER A 604 -2.10 32.78 -1.31
CA SER A 604 -3.12 33.82 -1.53
C SER A 604 -4.41 33.39 -0.82
N ARG A 605 -4.78 34.07 0.28
CA ARG A 605 -6.00 33.69 1.02
C ARG A 605 -7.28 33.80 0.19
N ASP A 606 -7.32 34.74 -0.79
CA ASP A 606 -8.47 34.97 -1.67
C ASP A 606 -8.70 33.76 -2.56
N GLU A 607 -7.61 33.23 -3.11
CA GLU A 607 -7.64 32.06 -3.99
C GLU A 607 -7.95 30.77 -3.23
N VAL A 608 -7.20 30.50 -2.14
CA VAL A 608 -7.37 29.31 -1.31
C VAL A 608 -8.80 29.24 -0.74
N ALA A 609 -9.36 30.39 -0.31
CA ALA A 609 -10.72 30.46 0.25
C ALA A 609 -11.74 30.05 -0.79
N GLN A 610 -11.51 30.46 -2.05
CA GLN A 610 -12.35 30.12 -3.20
C GLN A 610 -12.20 28.65 -3.57
N MET A 611 -10.96 28.11 -3.49
CA MET A 611 -10.66 26.70 -3.75
C MET A 611 -11.41 25.81 -2.78
N TYR A 612 -11.40 26.18 -1.49
CA TYR A 612 -12.10 25.49 -0.41
C TYR A 612 -13.55 25.26 -0.75
N CYS A 613 -14.25 26.32 -1.16
CA CYS A 613 -15.66 26.24 -1.53
C CYS A 613 -15.89 25.36 -2.75
N LEU A 614 -14.94 25.37 -3.71
CA LEU A 614 -15.04 24.49 -4.87
C LEU A 614 -14.85 23.02 -4.43
N VAL A 615 -13.89 22.73 -3.54
CA VAL A 615 -13.62 21.39 -3.02
C VAL A 615 -14.84 20.89 -2.23
N LYS A 616 -15.39 21.76 -1.35
CA LYS A 616 -16.55 21.53 -0.50
C LYS A 616 -17.67 20.85 -1.28
N ASP A 617 -18.01 21.40 -2.45
CA ASP A 617 -19.08 20.88 -3.30
C ASP A 617 -18.60 20.20 -4.58
N TRP A 618 -17.32 19.73 -4.61
CA TRP A 618 -16.74 19.09 -5.79
C TRP A 618 -17.43 17.77 -6.10
N PRO A 619 -17.71 17.45 -7.40
CA PRO A 619 -18.34 16.16 -7.72
C PRO A 619 -17.43 15.01 -7.27
N PRO A 620 -17.98 13.85 -6.86
CA PRO A 620 -17.07 12.77 -6.41
C PRO A 620 -16.32 12.15 -7.59
N ILE A 621 -15.11 11.64 -7.33
CA ILE A 621 -14.26 11.02 -8.35
C ILE A 621 -13.94 9.56 -7.97
N LYS A 622 -13.54 8.73 -8.97
CA LYS A 622 -13.16 7.33 -8.84
C LYS A 622 -12.19 7.18 -7.66
N PRO A 623 -12.37 6.18 -6.76
CA PRO A 623 -11.45 6.05 -5.62
C PRO A 623 -9.96 6.06 -5.96
N GLU A 624 -9.58 5.49 -7.12
CA GLU A 624 -8.19 5.43 -7.60
C GLU A 624 -7.70 6.81 -8.01
N GLN A 625 -8.63 7.71 -8.40
CA GLN A 625 -8.28 9.08 -8.75
C GLN A 625 -8.12 9.90 -7.47
N ALA A 626 -9.01 9.66 -6.47
CA ALA A 626 -8.99 10.33 -5.16
C ALA A 626 -7.72 10.01 -4.35
N MET A 627 -7.18 8.79 -4.46
CA MET A 627 -5.96 8.34 -3.77
C MET A 627 -4.78 9.27 -4.03
N GLU A 628 -4.65 9.80 -5.26
CA GLU A 628 -3.61 10.77 -5.59
C GLU A 628 -3.65 11.96 -4.62
N LEU A 629 -4.86 12.44 -4.26
CA LEU A 629 -5.09 13.59 -3.37
C LEU A 629 -4.69 13.35 -1.92
N LEU A 630 -4.19 12.14 -1.61
CA LEU A 630 -3.75 11.77 -0.27
C LEU A 630 -2.24 11.71 -0.18
N ASP A 631 -1.53 11.87 -1.32
CA ASP A 631 -0.07 11.84 -1.35
C ASP A 631 0.57 13.20 -0.87
N CYS A 632 1.93 13.26 -0.78
CA CYS A 632 2.74 14.39 -0.33
C CYS A 632 2.51 15.71 -1.12
N ASN A 633 1.88 15.62 -2.31
CA ASN A 633 1.60 16.79 -3.13
C ASN A 633 0.37 17.56 -2.65
N TYR A 634 -0.50 16.92 -1.85
CA TYR A 634 -1.76 17.50 -1.40
C TYR A 634 -1.86 17.51 0.11
N PRO A 635 -1.23 18.52 0.78
CA PRO A 635 -1.24 18.55 2.25
C PRO A 635 -2.50 19.16 2.87
N ASP A 636 -3.27 19.90 2.07
CA ASP A 636 -4.43 20.62 2.54
C ASP A 636 -5.52 19.72 3.12
N PRO A 637 -6.01 20.02 4.34
CA PRO A 637 -7.03 19.18 4.97
C PRO A 637 -8.40 19.15 4.31
N MET A 638 -8.76 20.21 3.56
CA MET A 638 -10.05 20.28 2.86
C MET A 638 -10.01 19.32 1.69
N VAL A 639 -8.84 19.26 1.04
CA VAL A 639 -8.53 18.42 -0.12
C VAL A 639 -8.51 16.95 0.27
N ARG A 640 -7.76 16.63 1.34
CA ARG A 640 -7.63 15.28 1.86
C ARG A 640 -8.95 14.74 2.39
N GLY A 641 -9.77 15.63 2.96
CA GLY A 641 -11.12 15.31 3.43
C GLY A 641 -12.02 14.85 2.30
N PHE A 642 -11.88 15.50 1.11
CA PHE A 642 -12.63 15.17 -0.10
C PHE A 642 -12.21 13.82 -0.62
N ALA A 643 -10.89 13.55 -0.63
CA ALA A 643 -10.32 12.28 -1.08
C ALA A 643 -10.90 11.16 -0.22
N VAL A 644 -10.91 11.35 1.11
CA VAL A 644 -11.43 10.36 2.05
C VAL A 644 -12.94 10.14 1.86
N ARG A 645 -13.70 11.21 1.55
CA ARG A 645 -15.14 11.09 1.33
C ARG A 645 -15.47 10.25 0.11
N CYS A 646 -14.62 10.33 -0.94
CA CYS A 646 -14.74 9.53 -2.17
C CYS A 646 -14.45 8.06 -1.81
N LEU A 647 -13.43 7.80 -0.97
CA LEU A 647 -13.07 6.46 -0.51
C LEU A 647 -14.18 5.83 0.32
N GLU A 648 -14.89 6.65 1.12
CA GLU A 648 -16.03 6.25 1.96
C GLU A 648 -17.23 5.83 1.14
N LYS A 649 -17.50 6.56 0.04
CA LYS A 649 -18.64 6.29 -0.84
C LYS A 649 -18.40 5.20 -1.88
N TYR A 650 -17.17 5.11 -2.47
CA TYR A 650 -16.91 4.23 -3.60
C TYR A 650 -15.81 3.16 -3.42
N LEU A 651 -14.99 3.23 -2.36
CA LEU A 651 -13.97 2.20 -2.22
C LEU A 651 -14.56 0.96 -1.57
N THR A 652 -14.60 -0.14 -2.33
CA THR A 652 -15.10 -1.42 -1.83
C THR A 652 -14.04 -2.03 -0.92
N ASP A 653 -14.41 -2.96 -0.05
CA ASP A 653 -13.47 -3.62 0.85
C ASP A 653 -12.37 -4.36 0.09
N ASP A 654 -12.69 -4.99 -1.06
CA ASP A 654 -11.76 -5.69 -1.96
C ASP A 654 -10.67 -4.71 -2.40
N LYS A 655 -11.09 -3.55 -2.92
CA LYS A 655 -10.15 -2.52 -3.38
C LYS A 655 -9.46 -1.82 -2.20
N LEU A 656 -10.09 -1.79 -1.00
CA LEU A 656 -9.43 -1.23 0.18
C LEU A 656 -8.26 -2.17 0.56
N SER A 657 -8.53 -3.52 0.57
CA SER A 657 -7.52 -4.54 0.83
C SER A 657 -6.36 -4.48 -0.18
N GLN A 658 -6.66 -4.36 -1.47
CA GLN A 658 -5.68 -4.24 -2.54
C GLN A 658 -4.72 -3.04 -2.37
N TYR A 659 -5.24 -1.85 -2.04
CA TYR A 659 -4.42 -0.64 -1.89
C TYR A 659 -4.03 -0.28 -0.46
N LEU A 660 -4.24 -1.18 0.52
CA LEU A 660 -3.98 -0.91 1.94
C LEU A 660 -2.58 -0.41 2.25
N ILE A 661 -1.53 -0.97 1.61
CA ILE A 661 -0.14 -0.53 1.85
C ILE A 661 0.00 0.98 1.54
N GLN A 662 -0.55 1.45 0.40
CA GLN A 662 -0.49 2.87 0.03
C GLN A 662 -1.25 3.69 1.05
N LEU A 663 -2.48 3.24 1.40
CA LEU A 663 -3.33 3.98 2.33
C LEU A 663 -2.71 4.09 3.73
N VAL A 664 -2.01 3.04 4.19
CA VAL A 664 -1.27 3.08 5.44
C VAL A 664 -0.04 4.03 5.29
N GLN A 665 0.63 4.00 4.13
CA GLN A 665 1.77 4.88 3.87
C GLN A 665 1.46 6.36 3.95
N VAL A 666 0.36 6.80 3.31
CA VAL A 666 -0.03 8.21 3.22
C VAL A 666 -0.42 8.80 4.60
N LEU A 667 -0.58 7.95 5.63
CA LEU A 667 -0.86 8.38 7.00
C LEU A 667 0.30 9.27 7.48
N LYS A 668 1.53 8.90 7.11
CA LYS A 668 2.78 9.59 7.44
C LYS A 668 2.80 11.02 6.91
N TYR A 669 1.97 11.33 5.93
CA TYR A 669 1.86 12.64 5.31
C TYR A 669 0.81 13.50 5.98
N GLU A 670 0.07 12.95 6.93
CA GLU A 670 -0.95 13.74 7.64
C GLU A 670 -0.24 14.69 8.62
N GLN A 671 -0.69 15.96 8.69
CA GLN A 671 -0.07 16.96 9.57
C GLN A 671 -0.23 16.56 11.04
N TYR A 672 -1.42 16.05 11.39
CA TYR A 672 -1.82 15.71 12.75
C TYR A 672 -2.16 14.25 12.94
N LEU A 673 -2.13 13.81 14.21
CA LEU A 673 -2.45 12.44 14.59
C LEU A 673 -3.92 12.14 14.33
N ASP A 674 -4.81 13.07 14.70
CA ASP A 674 -6.26 12.97 14.51
C ASP A 674 -6.66 13.60 13.17
N ASN A 675 -7.06 12.74 12.21
CA ASN A 675 -7.45 13.15 10.87
C ASN A 675 -8.53 12.24 10.30
N LEU A 676 -9.18 12.66 9.20
CA LEU A 676 -10.27 11.91 8.57
C LEU A 676 -9.84 10.57 7.97
N LEU A 677 -8.59 10.47 7.47
CA LEU A 677 -8.07 9.25 6.84
C LEU A 677 -7.86 8.12 7.83
N VAL A 678 -7.17 8.44 8.94
CA VAL A 678 -6.94 7.53 10.04
C VAL A 678 -8.27 7.04 10.60
N ARG A 679 -9.27 7.92 10.67
CA ARG A 679 -10.62 7.54 11.18
C ARG A 679 -11.33 6.57 10.25
N PHE A 680 -11.15 6.75 8.94
CA PHE A 680 -11.70 5.89 7.90
C PHE A 680 -11.02 4.53 7.99
N LEU A 681 -9.68 4.50 7.96
CA LEU A 681 -8.86 3.28 7.99
C LEU A 681 -9.06 2.44 9.22
N LEU A 682 -9.19 3.08 10.38
CA LEU A 682 -9.43 2.43 11.65
C LEU A 682 -10.85 1.84 11.71
N LYS A 683 -11.88 2.61 11.26
CA LYS A 683 -13.25 2.09 11.27
C LYS A 683 -13.33 0.87 10.40
N LYS A 684 -12.70 0.90 9.22
CA LYS A 684 -12.68 -0.25 8.32
C LYS A 684 -11.92 -1.47 8.94
N ALA A 685 -10.74 -1.23 9.55
CA ALA A 685 -9.93 -2.25 10.21
C ALA A 685 -10.70 -2.90 11.37
N LEU A 686 -11.50 -2.11 12.10
CA LEU A 686 -12.30 -2.58 13.21
C LEU A 686 -13.68 -3.12 12.78
N THR A 687 -14.08 -2.97 11.49
CA THR A 687 -15.35 -3.51 10.99
C THR A 687 -15.14 -4.68 9.94
N ASN A 688 -13.88 -5.02 9.63
CA ASN A 688 -13.47 -6.09 8.71
C ASN A 688 -12.16 -6.66 9.23
N GLN A 689 -12.17 -7.91 9.71
CA GLN A 689 -10.97 -8.53 10.28
C GLN A 689 -9.91 -8.88 9.25
N ARG A 690 -10.30 -9.09 7.98
CA ARG A 690 -9.35 -9.34 6.90
C ARG A 690 -8.50 -8.07 6.69
N ILE A 691 -9.16 -6.88 6.70
CA ILE A 691 -8.50 -5.58 6.61
C ILE A 691 -7.71 -5.30 7.91
N GLY A 692 -8.38 -5.51 9.05
CA GLY A 692 -7.79 -5.37 10.38
C GLY A 692 -6.44 -6.06 10.50
N HIS A 693 -6.34 -7.30 9.99
CA HIS A 693 -5.11 -8.13 10.01
C HIS A 693 -3.93 -7.45 9.31
N PHE A 694 -4.09 -7.08 8.02
CA PHE A 694 -3.01 -6.42 7.27
C PHE A 694 -2.77 -5.01 7.79
N PHE A 695 -3.81 -4.33 8.27
CA PHE A 695 -3.67 -2.99 8.90
C PHE A 695 -2.69 -3.10 10.07
N PHE A 696 -2.93 -4.09 10.99
CA PHE A 696 -2.05 -4.38 12.13
C PHE A 696 -0.60 -4.65 11.69
N TRP A 697 -0.37 -5.56 10.73
CA TRP A 697 0.99 -5.94 10.32
C TRP A 697 1.77 -4.84 9.59
N HIS A 698 1.11 -4.00 8.75
CA HIS A 698 1.76 -2.90 8.04
C HIS A 698 2.27 -1.84 9.01
N LEU A 699 1.50 -1.60 10.09
CA LEU A 699 1.84 -0.65 11.16
C LEU A 699 2.93 -1.25 12.04
N LYS A 700 2.75 -2.51 12.47
CA LYS A 700 3.70 -3.23 13.32
C LYS A 700 5.05 -3.34 12.65
N SER A 701 5.08 -3.74 11.37
CA SER A 701 6.34 -3.88 10.64
C SER A 701 7.20 -2.62 10.65
N GLU A 702 6.58 -1.43 10.82
CA GLU A 702 7.30 -0.16 10.83
C GLU A 702 7.54 0.43 12.20
N MET A 703 7.28 -0.32 13.29
CA MET A 703 7.45 0.15 14.67
C MET A 703 8.92 0.39 15.10
N HIS A 704 9.88 -0.05 14.27
CA HIS A 704 11.29 0.16 14.52
C HIS A 704 11.65 1.56 14.02
N ASN A 705 10.90 2.06 13.03
CA ASN A 705 11.10 3.36 12.38
C ASN A 705 10.60 4.50 13.28
N LYS A 706 11.57 5.21 13.92
CA LYS A 706 11.32 6.33 14.85
C LYS A 706 10.71 7.60 14.20
N THR A 707 10.47 7.58 12.90
CA THR A 707 9.85 8.67 12.15
C THR A 707 8.32 8.49 12.22
N VAL A 708 7.86 7.25 12.51
CA VAL A 708 6.44 6.89 12.53
C VAL A 708 5.99 6.05 13.75
N SER A 709 6.94 5.59 14.62
CA SER A 709 6.63 4.74 15.76
C SER A 709 5.65 5.35 16.77
N GLN A 710 5.62 6.68 16.94
CA GLN A 710 4.62 7.27 17.85
C GLN A 710 3.23 7.21 17.19
N ARG A 711 3.10 7.75 15.97
CA ARG A 711 1.85 7.74 15.22
C ARG A 711 1.25 6.33 15.11
N PHE A 712 2.05 5.36 14.62
CA PHE A 712 1.68 3.96 14.41
C PHE A 712 1.44 3.23 15.71
N GLY A 713 2.19 3.61 16.74
CA GLY A 713 2.04 3.04 18.07
C GLY A 713 0.72 3.39 18.72
N LEU A 714 0.33 4.66 18.61
CA LEU A 714 -0.93 5.16 19.16
C LEU A 714 -2.08 4.58 18.32
N LEU A 715 -1.87 4.50 17.00
CA LEU A 715 -2.84 3.93 16.07
C LEU A 715 -3.06 2.44 16.40
N LEU A 716 -1.97 1.71 16.67
CA LEU A 716 -2.04 0.30 17.05
C LEU A 716 -2.73 0.11 18.39
N GLU A 717 -2.50 1.05 19.36
CA GLU A 717 -3.13 1.02 20.69
C GLU A 717 -4.65 1.11 20.56
N SER A 718 -5.16 2.03 19.73
CA SER A 718 -6.59 2.19 19.49
C SER A 718 -7.18 0.93 18.81
N TYR A 719 -6.47 0.36 17.84
CA TYR A 719 -6.91 -0.83 17.13
C TYR A 719 -7.04 -2.03 18.10
N CYS A 720 -6.00 -2.25 18.91
CA CYS A 720 -5.91 -3.33 19.89
C CYS A 720 -6.96 -3.24 20.97
N ARG A 721 -7.39 -2.03 21.34
CA ARG A 721 -8.43 -1.86 22.38
C ARG A 721 -9.82 -2.32 21.91
N ALA A 722 -10.12 -2.19 20.60
CA ALA A 722 -11.43 -2.50 20.06
C ALA A 722 -11.52 -3.67 19.07
N CYS A 723 -10.40 -4.34 18.71
CA CYS A 723 -10.47 -5.40 17.70
C CYS A 723 -11.14 -6.68 18.20
N GLY A 724 -11.20 -6.83 19.51
CA GLY A 724 -11.82 -7.99 20.13
C GLY A 724 -10.87 -9.15 20.33
N MET A 725 -11.40 -10.36 20.16
CA MET A 725 -10.70 -11.62 20.36
C MET A 725 -9.51 -11.77 19.46
N TYR A 726 -9.48 -11.04 18.31
CA TYR A 726 -8.36 -11.12 17.38
C TYR A 726 -7.03 -10.63 17.98
N LEU A 727 -7.08 -9.79 19.05
CA LEU A 727 -5.85 -9.36 19.68
C LEU A 727 -5.13 -10.60 20.22
N LYS A 728 -5.88 -11.55 20.76
CA LYS A 728 -5.34 -12.76 21.34
C LYS A 728 -4.64 -13.61 20.30
N HIS A 729 -5.25 -13.72 19.10
CA HIS A 729 -4.73 -14.40 17.91
C HIS A 729 -3.54 -13.67 17.31
N LEU A 730 -3.54 -12.34 17.33
CA LEU A 730 -2.42 -11.54 16.83
C LEU A 730 -1.20 -11.74 17.73
N ASN A 731 -1.40 -11.82 19.06
CA ASN A 731 -0.32 -12.08 20.02
C ASN A 731 0.38 -13.46 19.80
N ARG A 732 -0.37 -14.48 19.26
CA ARG A 732 0.17 -15.79 18.87
C ARG A 732 1.14 -15.61 17.67
N GLN A 733 0.73 -14.84 16.64
CA GLN A 733 1.50 -14.52 15.43
C GLN A 733 2.73 -13.70 15.80
N VAL A 734 2.58 -12.69 16.68
CA VAL A 734 3.66 -11.84 17.15
C VAL A 734 4.69 -12.71 17.86
N GLU A 735 4.26 -13.53 18.86
CA GLU A 735 5.18 -14.39 19.62
C GLU A 735 5.88 -15.39 18.75
N ALA A 736 5.21 -15.95 17.73
CA ALA A 736 5.84 -16.89 16.81
C ALA A 736 6.93 -16.19 15.98
N MET A 737 6.63 -14.98 15.48
CA MET A 737 7.57 -14.17 14.70
C MET A 737 8.79 -13.82 15.55
N GLU A 738 8.57 -13.45 16.84
CA GLU A 738 9.69 -13.14 17.74
C GLU A 738 10.63 -14.32 17.98
N LYS A 739 10.07 -15.53 18.20
CA LYS A 739 10.86 -16.74 18.37
C LYS A 739 11.65 -17.01 17.08
N LEU A 740 11.05 -16.76 15.88
CA LEU A 740 11.74 -16.94 14.59
C LEU A 740 12.84 -15.88 14.35
N ILE A 741 12.61 -14.63 14.80
CA ILE A 741 13.60 -13.56 14.71
C ILE A 741 14.77 -13.95 15.63
N ASN A 742 14.46 -14.46 16.84
CA ASN A 742 15.46 -14.88 17.82
C ASN A 742 16.39 -15.95 17.28
N LEU A 743 15.82 -17.02 16.66
CA LEU A 743 16.55 -18.16 16.09
C LEU A 743 17.46 -17.78 14.93
N THR A 744 16.91 -17.04 13.95
CA THR A 744 17.64 -16.55 12.79
C THR A 744 18.75 -15.58 13.19
N ASP A 745 18.55 -14.80 14.28
CA ASP A 745 19.54 -13.88 14.80
C ASP A 745 20.70 -14.60 15.44
N ILE A 746 20.43 -15.72 16.16
CA ILE A 746 21.50 -16.54 16.76
C ILE A 746 22.30 -17.23 15.62
N LEU A 747 21.61 -17.82 14.62
CA LEU A 747 22.26 -18.48 13.48
C LEU A 747 23.19 -17.55 12.72
N LYS A 748 22.87 -16.25 12.61
CA LYS A 748 23.70 -15.30 11.86
C LYS A 748 24.83 -14.67 12.70
N GLN A 749 24.74 -14.71 14.05
CA GLN A 749 25.76 -14.11 14.91
C GLN A 749 26.63 -15.11 15.68
N GLU A 750 26.08 -16.29 16.00
CA GLU A 750 26.74 -17.32 16.80
C GLU A 750 26.99 -18.64 16.07
N LYS A 751 26.40 -18.86 14.88
CA LYS A 751 26.51 -20.12 14.15
C LYS A 751 26.79 -19.99 12.63
N LYS A 752 26.88 -18.75 12.10
CA LYS A 752 27.11 -18.42 10.68
C LYS A 752 28.23 -19.21 9.97
N ASP A 753 29.33 -19.48 10.69
CA ASP A 753 30.50 -20.16 10.14
C ASP A 753 30.41 -21.69 10.17
N GLU A 754 29.43 -22.25 10.90
CA GLU A 754 29.24 -23.70 11.01
C GLU A 754 28.62 -24.31 9.74
N THR A 755 28.73 -25.66 9.59
CA THR A 755 28.14 -26.40 8.45
C THR A 755 26.62 -26.43 8.59
N GLN A 756 25.92 -26.67 7.46
CA GLN A 756 24.47 -26.78 7.38
C GLN A 756 23.97 -27.84 8.39
N LYS A 757 24.62 -29.03 8.41
CA LYS A 757 24.31 -30.14 9.32
C LYS A 757 24.30 -29.67 10.79
N VAL A 758 25.37 -28.96 11.23
CA VAL A 758 25.57 -28.42 12.58
C VAL A 758 24.53 -27.35 12.91
N GLN A 759 24.24 -26.45 11.96
CA GLN A 759 23.26 -25.36 12.09
C GLN A 759 21.84 -25.93 12.23
N MET A 760 21.52 -27.00 11.47
CA MET A 760 20.23 -27.68 11.50
C MET A 760 20.04 -28.47 12.80
N LYS A 761 21.15 -29.04 13.33
CA LYS A 761 21.17 -29.77 14.60
C LYS A 761 20.76 -28.78 15.71
N PHE A 762 21.40 -27.58 15.74
CA PHE A 762 21.12 -26.49 16.68
C PHE A 762 19.67 -26.02 16.58
N LEU A 763 19.19 -25.81 15.34
CA LEU A 763 17.83 -25.33 15.03
C LEU A 763 16.80 -26.26 15.66
N VAL A 764 16.82 -27.55 15.27
CA VAL A 764 15.93 -28.61 15.75
C VAL A 764 15.96 -28.73 17.30
N GLU A 765 17.13 -28.53 17.94
CA GLU A 765 17.25 -28.57 19.40
C GLU A 765 16.62 -27.35 20.08
N GLN A 766 16.74 -26.17 19.46
CA GLN A 766 16.19 -24.94 20.00
C GLN A 766 14.70 -24.89 19.77
N MET A 767 14.24 -25.34 18.58
CA MET A 767 12.82 -25.37 18.22
C MET A 767 12.02 -26.30 19.10
N ARG A 768 12.60 -27.48 19.46
CA ARG A 768 11.98 -28.51 20.29
C ARG A 768 11.88 -28.15 21.79
N ARG A 769 12.36 -26.96 22.22
CA ARG A 769 12.23 -26.48 23.60
C ARG A 769 10.72 -26.21 23.83
N PRO A 770 10.07 -26.70 24.92
CA PRO A 770 8.59 -26.55 25.06
C PRO A 770 8.02 -25.13 24.98
N ASP A 771 8.79 -24.11 25.39
CA ASP A 771 8.37 -22.71 25.32
C ASP A 771 8.30 -22.23 23.86
N PHE A 772 9.35 -22.58 23.06
CA PHE A 772 9.50 -22.29 21.62
C PHE A 772 8.54 -23.14 20.80
N MET A 773 8.45 -24.45 21.11
CA MET A 773 7.63 -25.43 20.40
C MET A 773 6.15 -25.02 20.32
N ASP A 774 5.60 -24.53 21.44
CA ASP A 774 4.22 -24.09 21.51
C ASP A 774 4.00 -22.73 20.79
N ALA A 775 4.95 -21.77 20.92
CA ALA A 775 4.89 -20.47 20.24
C ALA A 775 4.87 -20.63 18.72
N LEU A 776 5.46 -21.71 18.18
CA LEU A 776 5.56 -21.94 16.75
C LEU A 776 4.55 -22.91 16.18
N GLN A 777 3.49 -23.23 16.95
CA GLN A 777 2.44 -24.16 16.52
C GLN A 777 1.06 -23.68 16.98
N GLY A 778 0.03 -23.87 16.14
CA GLY A 778 -1.34 -23.51 16.47
C GLY A 778 -1.58 -22.03 16.50
N PHE A 779 -1.34 -21.37 15.35
CA PHE A 779 -1.56 -19.94 15.15
C PHE A 779 -1.99 -19.73 13.68
N LEU A 780 -2.35 -18.50 13.29
CA LEU A 780 -2.81 -18.18 11.94
C LEU A 780 -1.70 -17.59 11.12
N SER A 781 -1.61 -17.99 9.85
CA SER A 781 -0.58 -17.51 8.94
C SER A 781 -0.66 -15.97 8.79
N PRO A 782 0.39 -15.20 9.19
CA PRO A 782 0.33 -13.74 8.96
C PRO A 782 0.20 -13.39 7.46
N LEU A 783 0.55 -14.34 6.55
CA LEU A 783 0.45 -14.15 5.09
C LEU A 783 -1.02 -14.18 4.66
N ASN A 784 -1.83 -15.02 5.32
CA ASN A 784 -3.26 -15.19 5.07
C ASN A 784 -3.87 -15.76 6.35
N PRO A 785 -4.53 -14.91 7.18
CA PRO A 785 -5.11 -15.42 8.44
C PRO A 785 -6.19 -16.51 8.31
N ALA A 786 -6.68 -16.80 7.10
CA ALA A 786 -7.66 -17.86 6.84
C ALA A 786 -6.96 -19.23 6.84
N HIS A 787 -5.61 -19.22 6.80
CA HIS A 787 -4.74 -20.40 6.82
C HIS A 787 -4.21 -20.67 8.22
N GLN A 788 -4.68 -21.77 8.83
CA GLN A 788 -4.29 -22.27 10.15
C GLN A 788 -2.96 -23.04 10.08
N LEU A 789 -2.03 -22.62 10.93
CA LEU A 789 -0.71 -23.25 11.07
C LEU A 789 -0.77 -24.21 12.29
N GLY A 790 -0.95 -25.49 12.01
CA GLY A 790 -1.02 -26.53 13.02
C GLY A 790 0.33 -26.87 13.60
N ASN A 791 0.63 -28.16 13.71
CA ASN A 791 1.90 -28.63 14.22
C ASN A 791 2.98 -28.47 13.18
N LEU A 792 4.18 -28.07 13.61
CA LEU A 792 5.35 -27.94 12.75
C LEU A 792 5.73 -29.34 12.28
N ARG A 793 6.23 -29.45 11.03
CA ARG A 793 6.74 -30.69 10.51
C ARG A 793 8.26 -30.47 10.42
N LEU A 794 8.94 -30.62 11.57
CA LEU A 794 10.38 -30.36 11.73
C LEU A 794 11.25 -31.05 10.70
N GLU A 795 10.94 -32.33 10.37
CA GLU A 795 11.63 -33.14 9.36
C GLU A 795 11.64 -32.43 7.97
N GLU A 796 10.64 -31.56 7.73
CA GLU A 796 10.44 -30.80 6.51
C GLU A 796 11.01 -29.37 6.60
N CYS A 797 11.33 -28.91 7.82
CA CYS A 797 11.91 -27.59 8.08
C CYS A 797 13.37 -27.63 7.76
N ARG A 798 13.90 -26.57 7.13
CA ARG A 798 15.30 -26.52 6.73
C ARG A 798 15.83 -25.11 6.53
N ILE A 799 17.17 -24.95 6.56
CA ILE A 799 17.85 -23.68 6.32
C ILE A 799 18.18 -23.68 4.82
N MET A 800 17.62 -22.70 4.09
CA MET A 800 17.84 -22.54 2.65
C MET A 800 19.25 -22.01 2.36
N SER A 801 19.81 -22.45 1.22
CA SER A 801 21.14 -22.07 0.74
C SER A 801 21.21 -20.62 0.24
N SER A 802 20.04 -19.97 0.06
CA SER A 802 19.87 -18.59 -0.41
C SER A 802 20.52 -17.55 0.52
N ALA A 803 20.73 -16.32 -0.01
CA ALA A 803 21.29 -15.17 0.68
C ALA A 803 20.43 -14.85 1.90
N LYS A 804 21.09 -14.58 3.04
CA LYS A 804 20.52 -14.30 4.36
C LYS A 804 19.99 -15.56 5.04
N ARG A 805 20.32 -16.75 4.44
CA ARG A 805 19.96 -18.12 4.86
C ARG A 805 18.53 -18.24 5.40
N PRO A 806 17.51 -18.04 4.53
CA PRO A 806 16.12 -18.11 5.02
C PRO A 806 15.69 -19.50 5.50
N LEU A 807 14.73 -19.54 6.45
CA LEU A 807 14.22 -20.81 6.96
C LEU A 807 13.04 -21.18 6.11
N TRP A 808 13.02 -22.45 5.68
CA TRP A 808 11.93 -23.06 4.94
C TRP A 808 11.16 -23.77 6.03
N LEU A 809 9.91 -23.37 6.23
CA LEU A 809 9.09 -23.92 7.32
C LEU A 809 7.82 -24.58 6.80
N ASN A 810 7.46 -25.69 7.44
CA ASN A 810 6.31 -26.51 7.08
C ASN A 810 5.44 -26.76 8.30
N TRP A 811 4.14 -26.56 8.15
CA TRP A 811 3.15 -26.81 9.19
C TRP A 811 2.02 -27.67 8.66
N GLU A 812 1.40 -28.44 9.54
CA GLU A 812 0.22 -29.20 9.17
C GLU A 812 -0.94 -28.20 9.06
N ASN A 813 -1.89 -28.51 8.18
CA ASN A 813 -3.10 -27.73 8.03
C ASN A 813 -4.11 -28.52 8.87
N PRO A 814 -4.47 -28.02 10.07
CA PRO A 814 -5.38 -28.80 10.93
C PRO A 814 -6.80 -28.93 10.41
N ASP A 815 -7.18 -28.18 9.33
CA ASP A 815 -8.52 -28.23 8.73
C ASP A 815 -8.93 -29.66 8.42
N ILE A 816 -10.19 -30.02 8.78
CA ILE A 816 -10.77 -31.36 8.57
C ILE A 816 -10.58 -31.85 7.11
N MET A 817 -10.75 -30.93 6.14
CA MET A 817 -10.63 -31.22 4.71
C MET A 817 -9.37 -30.56 4.12
N SER A 818 -8.21 -30.72 4.80
CA SER A 818 -6.93 -30.13 4.38
C SER A 818 -6.48 -30.71 3.05
N GLU A 819 -6.70 -32.02 2.85
CA GLU A 819 -6.40 -32.77 1.62
C GLU A 819 -6.96 -32.13 0.33
N LEU A 820 -8.10 -31.39 0.43
CA LEU A 820 -8.77 -30.74 -0.69
C LEU A 820 -8.20 -29.36 -1.07
N LEU A 821 -7.35 -28.79 -0.21
CA LEU A 821 -6.68 -27.52 -0.46
C LEU A 821 -5.19 -27.84 -0.52
N PHE A 822 -4.57 -28.06 0.66
CA PHE A 822 -3.18 -28.46 0.84
C PHE A 822 -3.01 -29.02 2.25
N GLN A 823 -2.36 -30.19 2.37
CA GLN A 823 -2.15 -30.81 3.67
C GLN A 823 -0.99 -30.21 4.46
N ASN A 824 -0.12 -29.41 3.79
CA ASN A 824 1.01 -28.75 4.42
C ASN A 824 1.18 -27.31 3.97
N ASN A 825 1.31 -26.42 4.95
CA ASN A 825 1.49 -24.99 4.70
C ASN A 825 2.99 -24.70 4.77
N GLU A 826 3.59 -24.32 3.63
CA GLU A 826 5.02 -24.05 3.53
C GLU A 826 5.28 -22.58 3.36
N ILE A 827 6.06 -22.01 4.29
CA ILE A 827 6.37 -20.58 4.33
C ILE A 827 7.87 -20.39 4.43
N ILE A 828 8.39 -19.34 3.75
CA ILE A 828 9.80 -18.96 3.81
C ILE A 828 9.91 -17.78 4.78
N PHE A 829 10.63 -17.97 5.87
CA PHE A 829 10.89 -16.90 6.84
C PHE A 829 12.29 -16.39 6.51
N LYS A 830 12.40 -15.12 6.14
CA LYS A 830 13.68 -14.56 5.75
C LYS A 830 14.02 -13.37 6.62
N ASN A 831 15.26 -13.37 7.16
CA ASN A 831 15.75 -12.33 8.06
C ASN A 831 17.02 -11.70 7.48
N GLY A 832 16.98 -10.39 7.24
CA GLY A 832 18.12 -9.64 6.75
C GLY A 832 17.92 -8.77 5.52
N ASP A 833 16.86 -9.06 4.73
CA ASP A 833 16.54 -8.32 3.50
C ASP A 833 15.26 -7.53 3.64
N ASP A 834 15.25 -6.30 3.10
CA ASP A 834 14.08 -5.43 3.07
C ASP A 834 13.12 -6.04 2.06
N LEU A 835 11.96 -6.50 2.54
CA LEU A 835 10.97 -7.16 1.70
C LEU A 835 9.87 -6.24 1.23
N ARG A 836 10.05 -4.93 1.43
CA ARG A 836 9.05 -3.92 1.06
C ARG A 836 8.94 -3.69 -0.45
N GLN A 837 10.07 -3.66 -1.16
CA GLN A 837 10.06 -3.48 -2.61
C GLN A 837 9.42 -4.68 -3.31
N ASP A 838 9.70 -5.90 -2.79
CA ASP A 838 9.12 -7.16 -3.25
C ASP A 838 7.59 -7.13 -3.07
N MET A 839 7.12 -6.65 -1.91
N MET A 839 7.11 -6.65 -1.90
CA MET A 839 5.72 -6.51 -1.53
CA MET A 839 5.69 -6.51 -1.57
C MET A 839 4.99 -5.62 -2.54
C MET A 839 5.00 -5.65 -2.62
N LEU A 840 5.57 -4.45 -2.89
CA LEU A 840 5.05 -3.49 -3.86
C LEU A 840 5.07 -4.05 -5.30
N THR A 841 6.17 -4.71 -5.69
CA THR A 841 6.27 -5.29 -7.03
C THR A 841 5.18 -6.37 -7.21
N LEU A 842 5.02 -7.24 -6.19
CA LEU A 842 4.02 -8.30 -6.16
C LEU A 842 2.62 -7.77 -6.19
N GLN A 843 2.37 -6.64 -5.49
CA GLN A 843 1.08 -5.96 -5.46
C GLN A 843 0.73 -5.45 -6.87
N ILE A 844 1.70 -4.77 -7.53
CA ILE A 844 1.58 -4.20 -8.87
C ILE A 844 1.38 -5.31 -9.91
N ILE A 845 2.17 -6.40 -9.84
CA ILE A 845 2.04 -7.55 -10.75
C ILE A 845 0.55 -8.01 -10.77
N ARG A 846 -0.05 -8.21 -9.57
CA ARG A 846 -1.46 -8.59 -9.36
C ARG A 846 -2.41 -7.57 -10.01
N ILE A 847 -2.20 -6.26 -9.77
CA ILE A 847 -3.01 -5.19 -10.37
C ILE A 847 -2.98 -5.24 -11.89
N MET A 848 -1.79 -5.44 -12.48
CA MET A 848 -1.53 -5.58 -13.92
C MET A 848 -2.31 -6.78 -14.48
N GLU A 849 -2.28 -7.93 -13.77
CA GLU A 849 -2.97 -9.16 -14.14
C GLU A 849 -4.48 -8.90 -14.18
N ASN A 850 -5.03 -8.30 -13.10
CA ASN A 850 -6.44 -7.95 -13.00
C ASN A 850 -6.87 -7.07 -14.18
N ILE A 851 -6.03 -6.11 -14.55
CA ILE A 851 -6.25 -5.24 -15.70
C ILE A 851 -6.30 -6.08 -16.99
N TRP A 852 -5.33 -7.01 -17.17
CA TRP A 852 -5.28 -7.85 -18.36
C TRP A 852 -6.50 -8.74 -18.50
N GLN A 853 -6.88 -9.45 -17.40
CA GLN A 853 -8.04 -10.33 -17.38
C GLN A 853 -9.35 -9.63 -17.75
N ASN A 854 -9.60 -8.44 -17.17
CA ASN A 854 -10.79 -7.64 -17.45
C ASN A 854 -10.94 -7.26 -18.94
N GLN A 855 -9.81 -7.09 -19.65
CA GLN A 855 -9.74 -6.76 -21.08
C GLN A 855 -9.73 -8.02 -21.96
N GLY A 856 -10.04 -9.16 -21.35
CA GLY A 856 -10.06 -10.46 -22.01
C GLY A 856 -8.72 -10.90 -22.55
N LEU A 857 -7.65 -10.65 -21.78
CA LEU A 857 -6.27 -10.99 -22.13
C LEU A 857 -5.72 -11.86 -21.02
N ASP A 858 -5.82 -13.20 -21.22
CA ASP A 858 -5.46 -14.22 -20.24
C ASP A 858 -3.94 -14.46 -20.09
N LEU A 859 -3.25 -13.56 -19.41
CA LEU A 859 -1.82 -13.71 -19.16
C LEU A 859 -1.70 -13.95 -17.67
N ARG A 860 -1.58 -15.23 -17.32
CA ARG A 860 -1.54 -15.67 -15.94
C ARG A 860 -0.24 -15.33 -15.23
N MET A 861 -0.34 -14.48 -14.21
CA MET A 861 0.77 -14.07 -13.38
C MET A 861 0.72 -14.85 -12.06
N LEU A 862 1.85 -14.90 -11.34
CA LEU A 862 1.90 -15.56 -10.05
C LEU A 862 2.35 -14.55 -8.98
N PRO A 863 1.44 -13.66 -8.51
CA PRO A 863 1.83 -12.74 -7.44
C PRO A 863 1.71 -13.48 -6.10
N TYR A 864 2.74 -14.28 -5.77
CA TYR A 864 2.81 -15.06 -4.53
C TYR A 864 2.82 -14.10 -3.33
N GLY A 865 2.43 -14.63 -2.18
CA GLY A 865 2.37 -13.85 -0.95
C GLY A 865 3.72 -13.44 -0.44
N CYS A 866 3.79 -12.22 0.08
CA CYS A 866 4.97 -11.65 0.70
C CYS A 866 4.54 -10.59 1.68
N LEU A 867 5.07 -10.67 2.90
CA LEU A 867 4.72 -9.73 3.96
C LEU A 867 5.91 -9.38 4.80
N SER A 868 6.24 -8.07 4.86
CA SER A 868 7.28 -7.54 5.74
C SER A 868 6.65 -7.43 7.12
N ILE A 869 7.27 -8.07 8.14
CA ILE A 869 6.75 -8.12 9.53
C ILE A 869 7.62 -7.31 10.52
N GLY A 870 8.65 -6.68 9.99
CA GLY A 870 9.57 -5.88 10.79
C GLY A 870 10.69 -5.31 9.95
N ASP A 871 11.75 -4.85 10.64
CA ASP A 871 12.94 -4.26 10.03
C ASP A 871 13.73 -5.39 9.38
N CYS A 872 13.62 -5.49 8.03
CA CYS A 872 14.27 -6.49 7.18
C CYS A 872 13.97 -7.93 7.60
N VAL A 873 12.71 -8.20 7.96
CA VAL A 873 12.19 -9.52 8.35
C VAL A 873 10.89 -9.67 7.61
N GLY A 874 10.64 -10.87 7.10
CA GLY A 874 9.39 -11.14 6.39
C GLY A 874 9.09 -12.58 6.04
N LEU A 875 7.90 -12.79 5.46
CA LEU A 875 7.40 -14.09 5.02
C LEU A 875 7.14 -14.16 3.52
N ILE A 876 7.55 -15.25 2.90
CA ILE A 876 7.37 -15.54 1.47
C ILE A 876 6.55 -16.83 1.34
N GLU A 877 5.45 -16.75 0.57
CA GLU A 877 4.59 -17.89 0.29
C GLU A 877 5.35 -18.79 -0.71
N VAL A 878 5.44 -20.06 -0.34
CA VAL A 878 6.05 -21.08 -1.17
C VAL A 878 5.03 -21.45 -2.23
N VAL A 879 5.45 -21.51 -3.49
CA VAL A 879 4.61 -21.95 -4.61
C VAL A 879 4.90 -23.46 -4.80
N ARG A 880 3.86 -24.30 -4.62
CA ARG A 880 3.97 -25.75 -4.77
C ARG A 880 4.25 -26.14 -6.21
N ASN A 881 5.07 -27.20 -6.38
CA ASN A 881 5.45 -27.80 -7.66
C ASN A 881 6.07 -26.80 -8.64
N SER A 882 7.02 -25.99 -8.14
CA SER A 882 7.77 -25.00 -8.91
C SER A 882 9.28 -25.22 -8.73
N HIS A 883 10.07 -24.87 -9.77
CA HIS A 883 11.53 -25.03 -9.79
C HIS A 883 12.16 -23.89 -10.57
N THR A 884 13.37 -23.44 -10.17
CA THR A 884 14.08 -22.39 -10.90
C THR A 884 14.55 -22.97 -12.23
N ILE A 885 14.82 -22.11 -13.22
CA ILE A 885 15.31 -22.52 -14.54
C ILE A 885 16.58 -23.34 -14.41
N MET A 886 17.51 -22.93 -13.50
CA MET A 886 18.74 -23.64 -13.21
C MET A 886 18.47 -25.05 -12.67
N GLN A 887 17.54 -25.20 -11.71
CA GLN A 887 17.13 -26.47 -11.11
C GLN A 887 16.64 -27.49 -12.16
N ILE A 888 16.01 -26.99 -13.24
CA ILE A 888 15.50 -27.78 -14.36
C ILE A 888 16.69 -28.32 -15.14
N GLN A 889 17.48 -27.39 -15.75
CA GLN A 889 18.63 -27.70 -16.60
C GLN A 889 19.75 -28.49 -15.90
N CYS A 890 19.83 -28.42 -14.55
CA CYS A 890 20.81 -29.21 -13.81
C CYS A 890 20.39 -30.68 -13.64
N LYS A 891 19.24 -31.06 -14.28
CA LYS A 891 18.63 -32.39 -14.36
C LYS A 891 18.46 -33.04 -12.99
N PHE A 900 24.42 -29.21 -20.63
CA PHE A 900 22.98 -29.06 -20.87
C PHE A 900 22.68 -28.21 -22.10
N ASN A 901 21.72 -28.68 -22.91
CA ASN A 901 21.25 -28.07 -24.15
C ASN A 901 20.21 -26.96 -23.88
N SER A 902 19.88 -26.15 -24.91
CA SER A 902 18.87 -25.09 -24.86
C SER A 902 17.48 -25.74 -24.83
N HIS A 903 17.40 -27.00 -25.31
CA HIS A 903 16.20 -27.83 -25.39
C HIS A 903 15.84 -28.52 -24.05
N THR A 904 16.73 -28.45 -23.03
CA THR A 904 16.56 -29.06 -21.70
C THR A 904 15.26 -28.63 -21.00
N LEU A 905 14.90 -27.32 -21.08
CA LEU A 905 13.70 -26.79 -20.44
C LEU A 905 12.44 -27.32 -21.15
N HIS A 906 12.40 -27.18 -22.50
CA HIS A 906 11.30 -27.68 -23.32
C HIS A 906 11.14 -29.20 -23.18
N GLN A 907 12.27 -29.92 -23.03
CA GLN A 907 12.32 -31.36 -22.84
C GLN A 907 11.68 -31.71 -21.51
N TRP A 908 11.97 -30.90 -20.48
CA TRP A 908 11.42 -31.09 -19.14
C TRP A 908 9.91 -30.83 -19.15
N LEU A 909 9.47 -29.76 -19.84
CA LEU A 909 8.05 -29.41 -19.92
C LEU A 909 7.23 -30.48 -20.62
N LYS A 910 7.76 -31.03 -21.71
CA LYS A 910 7.16 -32.11 -22.51
C LYS A 910 7.06 -33.38 -21.66
N ASP A 911 8.02 -33.59 -20.76
CA ASP A 911 8.09 -34.72 -19.84
C ASP A 911 7.04 -34.59 -18.71
N LYS A 912 6.74 -33.36 -18.27
CA LYS A 912 5.77 -33.06 -17.22
C LYS A 912 4.33 -32.96 -17.74
N ASN A 913 4.15 -32.82 -19.08
CA ASN A 913 2.85 -32.70 -19.73
C ASN A 913 2.86 -33.54 -21.02
N LYS A 914 2.79 -34.86 -20.86
CA LYS A 914 2.81 -35.81 -21.96
C LYS A 914 1.42 -35.97 -22.58
N GLY A 915 1.41 -36.22 -23.89
CA GLY A 915 0.18 -36.44 -24.66
C GLY A 915 -0.63 -35.20 -24.96
N GLU A 916 -1.97 -35.37 -24.97
CA GLU A 916 -3.00 -34.38 -25.28
C GLU A 916 -2.89 -33.04 -24.52
N ILE A 917 -2.32 -33.04 -23.29
CA ILE A 917 -2.21 -31.85 -22.41
C ILE A 917 -0.94 -30.97 -22.66
N TYR A 918 -0.01 -31.40 -23.52
CA TYR A 918 1.22 -30.68 -23.87
C TYR A 918 0.99 -29.21 -24.35
N ASP A 919 -0.01 -29.01 -25.24
CA ASP A 919 -0.35 -27.70 -25.79
C ASP A 919 -0.83 -26.71 -24.75
N ALA A 920 -1.58 -27.19 -23.72
CA ALA A 920 -2.09 -26.36 -22.62
C ALA A 920 -0.92 -25.75 -21.83
N ALA A 921 0.16 -26.54 -21.65
CA ALA A 921 1.40 -26.19 -20.96
C ALA A 921 2.21 -25.17 -21.73
N ILE A 922 2.30 -25.35 -23.08
CA ILE A 922 3.02 -24.43 -23.97
C ILE A 922 2.29 -23.10 -23.97
N ASP A 923 0.95 -23.15 -24.05
CA ASP A 923 0.09 -21.97 -24.03
C ASP A 923 0.22 -21.22 -22.70
N LEU A 924 0.21 -21.95 -21.58
CA LEU A 924 0.37 -21.33 -20.27
C LEU A 924 1.75 -20.67 -20.12
N PHE A 925 2.81 -21.35 -20.62
CA PHE A 925 4.18 -20.84 -20.56
C PHE A 925 4.29 -19.55 -21.35
N THR A 926 3.82 -19.56 -22.61
CA THR A 926 3.84 -18.41 -23.51
C THR A 926 3.12 -17.22 -22.88
N ARG A 927 1.89 -17.46 -22.36
CA ARG A 927 1.03 -16.46 -21.75
C ARG A 927 1.64 -15.85 -20.48
N SER A 928 2.20 -16.70 -19.58
CA SER A 928 2.86 -16.27 -18.33
C SER A 928 4.16 -15.55 -18.63
N CYS A 929 4.87 -16.01 -19.66
CA CYS A 929 6.13 -15.47 -20.14
C CYS A 929 5.94 -14.05 -20.70
N ALA A 930 4.85 -13.81 -21.48
CA ALA A 930 4.53 -12.51 -22.09
C ALA A 930 4.22 -11.48 -21.01
N GLY A 931 3.51 -11.94 -19.98
CA GLY A 931 3.15 -11.15 -18.82
C GLY A 931 4.38 -10.65 -18.08
N TYR A 932 5.29 -11.56 -17.72
CA TYR A 932 6.52 -11.21 -17.00
C TYR A 932 7.51 -10.41 -17.84
N CYS A 933 7.49 -10.57 -19.17
CA CYS A 933 8.37 -9.80 -20.06
C CYS A 933 7.99 -8.33 -19.96
N VAL A 934 6.68 -8.06 -20.14
CA VAL A 934 6.03 -6.76 -20.12
C VAL A 934 6.07 -6.14 -18.72
N ALA A 935 5.69 -6.89 -17.68
CA ALA A 935 5.70 -6.40 -16.29
C ALA A 935 7.08 -5.95 -15.83
N THR A 936 8.12 -6.78 -16.05
CA THR A 936 9.51 -6.48 -15.64
C THR A 936 10.11 -5.36 -16.44
N PHE A 937 9.73 -5.22 -17.73
CA PHE A 937 10.24 -4.14 -18.58
C PHE A 937 9.70 -2.81 -18.10
N ILE A 938 8.38 -2.74 -17.83
CA ILE A 938 7.70 -1.53 -17.35
C ILE A 938 8.32 -1.09 -16.00
N LEU A 939 8.33 -2.01 -15.01
CA LEU A 939 8.76 -1.73 -13.65
C LEU A 939 10.24 -1.63 -13.42
N GLY A 940 11.04 -2.13 -14.37
CA GLY A 940 12.50 -2.08 -14.33
C GLY A 940 13.09 -2.90 -13.19
N ILE A 941 12.59 -4.13 -13.03
CA ILE A 941 12.99 -5.13 -12.02
C ILE A 941 14.48 -5.52 -12.19
N GLY A 942 15.10 -6.07 -11.14
CA GLY A 942 16.49 -6.54 -11.18
C GLY A 942 16.71 -7.59 -12.26
N ASP A 943 17.90 -7.61 -12.87
CA ASP A 943 18.24 -8.54 -13.96
C ASP A 943 17.88 -9.98 -13.67
N ARG A 944 17.11 -10.59 -14.59
CA ARG A 944 16.68 -11.97 -14.49
C ARG A 944 17.79 -12.93 -14.84
N HIS A 945 17.78 -14.10 -14.19
CA HIS A 945 18.71 -15.20 -14.39
C HIS A 945 18.04 -16.49 -13.95
N ASN A 946 18.66 -17.62 -14.30
CA ASN A 946 18.20 -19.00 -14.07
C ASN A 946 17.85 -19.33 -12.60
N SER A 947 18.24 -18.48 -11.64
CA SER A 947 17.96 -18.67 -10.22
C SER A 947 16.81 -17.82 -9.69
N ASN A 948 16.32 -16.84 -10.48
CA ASN A 948 15.20 -16.04 -10.05
C ASN A 948 14.02 -16.11 -11.04
N ILE A 949 14.11 -17.00 -12.01
CA ILE A 949 13.01 -17.31 -12.92
C ILE A 949 12.61 -18.73 -12.53
N MET A 950 11.35 -18.92 -12.15
CA MET A 950 10.81 -20.20 -11.74
C MET A 950 9.72 -20.68 -12.70
N VAL A 951 9.52 -22.00 -12.76
CA VAL A 951 8.52 -22.63 -13.63
C VAL A 951 7.76 -23.74 -12.87
N LYS A 952 6.43 -23.79 -13.03
CA LYS A 952 5.57 -24.80 -12.43
C LYS A 952 5.53 -26.01 -13.36
N ASP A 953 5.20 -27.21 -12.82
CA ASP A 953 5.08 -28.45 -13.59
C ASP A 953 4.19 -28.28 -14.83
N ASP A 954 3.02 -27.61 -14.65
CA ASP A 954 2.02 -27.34 -15.69
C ASP A 954 2.48 -26.34 -16.78
N GLY A 955 3.63 -25.70 -16.57
CA GLY A 955 4.18 -24.73 -17.51
C GLY A 955 4.10 -23.27 -17.09
N GLN A 956 3.52 -22.98 -15.92
CA GLN A 956 3.38 -21.60 -15.45
C GLN A 956 4.73 -20.98 -15.05
N LEU A 957 5.17 -19.98 -15.82
CA LEU A 957 6.43 -19.27 -15.64
C LEU A 957 6.20 -18.10 -14.68
N PHE A 958 7.17 -17.83 -13.81
CA PHE A 958 7.09 -16.69 -12.89
C PHE A 958 8.45 -16.27 -12.36
N HIS A 959 8.53 -15.05 -11.86
CA HIS A 959 9.76 -14.48 -11.35
C HIS A 959 9.71 -14.33 -9.85
N ILE A 960 10.85 -14.53 -9.21
CA ILE A 960 11.03 -14.41 -7.76
C ILE A 960 12.12 -13.36 -7.48
N ASP A 961 12.24 -12.92 -6.23
CA ASP A 961 13.23 -11.93 -5.80
C ASP A 961 13.08 -10.59 -6.53
N PHE A 962 12.20 -9.74 -6.01
CA PHE A 962 11.92 -8.41 -6.54
C PHE A 962 12.55 -7.31 -5.64
N GLY A 963 13.81 -7.50 -5.27
CA GLY A 963 14.56 -6.58 -4.43
C GLY A 963 14.84 -5.24 -5.06
N HIS A 964 14.96 -5.19 -6.41
CA HIS A 964 15.23 -3.96 -7.17
C HIS A 964 14.17 -3.65 -8.21
N PHE A 965 13.89 -2.35 -8.41
CA PHE A 965 12.96 -1.83 -9.42
C PHE A 965 13.34 -0.41 -9.84
N LEU A 966 12.67 0.11 -10.87
CA LEU A 966 12.82 1.47 -11.41
C LEU A 966 14.25 1.76 -11.93
N ASP A 967 14.73 2.99 -11.72
CA ASP A 967 16.04 3.45 -12.17
C ASP A 967 17.18 2.98 -11.21
N HIS A 968 17.28 1.67 -10.95
CA HIS A 968 18.31 1.16 -10.03
C HIS A 968 19.70 1.04 -10.70
N LYS A 969 19.94 1.85 -11.75
CA LYS A 969 21.20 2.03 -12.47
C LYS A 969 21.24 3.50 -12.96
N LYS A 970 22.20 4.30 -12.44
CA LYS A 970 22.40 5.74 -12.72
C LYS A 970 21.12 6.59 -12.61
N ARG A 977 19.06 3.68 -22.25
CA ARG A 977 19.06 4.03 -20.83
C ARG A 977 17.98 3.28 -20.00
N GLU A 978 17.08 2.52 -20.66
CA GLU A 978 16.10 1.66 -19.98
C GLU A 978 16.52 0.22 -20.28
N ARG A 979 16.37 -0.64 -19.29
CA ARG A 979 16.78 -2.02 -19.42
C ARG A 979 15.64 -2.95 -19.79
N VAL A 980 16.00 -4.16 -20.25
CA VAL A 980 15.08 -5.26 -20.52
C VAL A 980 15.58 -6.34 -19.54
N PRO A 981 15.00 -6.40 -18.31
CA PRO A 981 15.49 -7.35 -17.29
C PRO A 981 15.31 -8.81 -17.68
N PHE A 982 14.19 -9.14 -18.35
CA PHE A 982 13.87 -10.50 -18.79
C PHE A 982 14.10 -10.69 -20.32
N VAL A 983 15.34 -11.07 -20.66
CA VAL A 983 15.80 -11.34 -22.01
C VAL A 983 15.51 -12.83 -22.24
N LEU A 984 14.67 -13.12 -23.23
CA LEU A 984 14.28 -14.47 -23.62
C LEU A 984 15.45 -15.13 -24.34
N THR A 985 16.15 -16.03 -23.64
CA THR A 985 17.26 -16.81 -24.22
C THR A 985 16.65 -17.87 -25.14
N GLN A 986 17.51 -18.67 -25.80
CA GLN A 986 17.05 -19.73 -26.68
C GLN A 986 16.12 -20.71 -25.97
N ASP A 987 16.38 -20.94 -24.67
CA ASP A 987 15.60 -21.82 -23.80
C ASP A 987 14.11 -21.47 -23.80
N PHE A 988 13.79 -20.16 -23.67
CA PHE A 988 12.40 -19.70 -23.63
C PHE A 988 11.73 -19.71 -24.99
N LEU A 989 12.46 -19.28 -26.05
CA LEU A 989 11.98 -19.24 -27.44
C LEU A 989 11.64 -20.64 -27.98
N ILE A 990 12.44 -21.66 -27.60
CA ILE A 990 12.22 -23.07 -27.98
C ILE A 990 10.90 -23.60 -27.42
N VAL A 991 10.59 -23.29 -26.13
CA VAL A 991 9.35 -23.70 -25.49
C VAL A 991 8.16 -23.04 -26.20
N ILE A 992 8.25 -21.71 -26.44
CA ILE A 992 7.23 -20.91 -27.13
C ILE A 992 6.91 -21.49 -28.50
N SER A 993 7.95 -21.84 -29.30
CA SER A 993 7.86 -22.37 -30.67
C SER A 993 7.68 -23.90 -30.79
N LYS A 994 7.36 -24.59 -29.67
CA LYS A 994 7.10 -26.03 -29.57
C LYS A 994 8.25 -26.93 -30.07
N GLY A 995 9.50 -26.49 -29.86
CA GLY A 995 10.67 -27.28 -30.24
C GLY A 995 11.30 -27.04 -31.60
N ALA A 996 10.83 -26.03 -32.34
CA ALA A 996 11.36 -25.65 -33.65
C ALA A 996 12.79 -25.09 -33.51
N GLN A 997 13.65 -25.27 -34.54
CA GLN A 997 15.02 -24.79 -34.55
CA GLN A 997 15.02 -24.78 -34.51
C GLN A 997 15.06 -23.27 -34.69
N GLU A 998 14.43 -22.74 -35.77
CA GLU A 998 14.33 -21.31 -36.06
C GLU A 998 13.12 -20.78 -35.26
N CYS A 999 13.23 -20.76 -33.92
CA CYS A 999 12.15 -20.34 -33.01
C CYS A 999 11.73 -18.88 -33.20
N THR A 1000 12.64 -18.02 -33.68
CA THR A 1000 12.39 -16.60 -33.94
C THR A 1000 11.39 -16.39 -35.11
N LYS A 1001 11.55 -17.17 -36.20
CA LYS A 1001 10.70 -17.10 -37.40
C LYS A 1001 9.60 -18.19 -37.42
N THR A 1002 8.67 -18.12 -36.43
CA THR A 1002 7.54 -19.04 -36.28
C THR A 1002 6.25 -18.28 -35.99
N ARG A 1003 5.08 -18.90 -36.26
CA ARG A 1003 3.77 -18.31 -35.99
C ARG A 1003 3.51 -18.25 -34.48
N GLU A 1004 4.05 -19.24 -33.73
CA GLU A 1004 3.94 -19.28 -32.26
C GLU A 1004 4.57 -18.04 -31.65
N PHE A 1005 5.77 -17.64 -32.14
CA PHE A 1005 6.49 -16.46 -31.67
C PHE A 1005 5.76 -15.16 -32.03
N GLU A 1006 5.11 -15.12 -33.21
CA GLU A 1006 4.34 -13.96 -33.66
C GLU A 1006 3.14 -13.73 -32.76
N ARG A 1007 2.46 -14.84 -32.34
CA ARG A 1007 1.32 -14.78 -31.42
C ARG A 1007 1.80 -14.40 -30.02
N PHE A 1008 3.06 -14.76 -29.67
CA PHE A 1008 3.68 -14.40 -28.39
C PHE A 1008 3.92 -12.89 -28.35
N GLN A 1009 4.57 -12.32 -29.39
CA GLN A 1009 4.84 -10.91 -29.57
C GLN A 1009 3.56 -10.07 -29.44
N GLU A 1010 2.46 -10.53 -30.09
CA GLU A 1010 1.13 -9.90 -30.08
C GLU A 1010 0.57 -9.78 -28.65
N MET A 1011 0.82 -10.80 -27.80
CA MET A 1011 0.40 -10.82 -26.40
C MET A 1011 1.15 -9.73 -25.64
N CYS A 1012 2.46 -9.52 -25.95
CA CYS A 1012 3.30 -8.50 -25.31
C CYS A 1012 2.83 -7.10 -25.67
N TYR A 1013 2.53 -6.88 -26.95
CA TYR A 1013 2.07 -5.60 -27.49
C TYR A 1013 0.74 -5.22 -26.83
N LYS A 1014 -0.23 -6.16 -26.81
CA LYS A 1014 -1.54 -5.97 -26.19
C LYS A 1014 -1.41 -5.64 -24.70
N ALA A 1015 -0.51 -6.36 -23.98
CA ALA A 1015 -0.22 -6.22 -22.56
C ALA A 1015 0.40 -4.88 -22.22
N TYR A 1016 1.45 -4.47 -22.99
CA TYR A 1016 2.17 -3.21 -22.81
C TYR A 1016 1.24 -1.99 -22.96
N LEU A 1017 0.41 -1.99 -24.03
CA LEU A 1017 -0.54 -0.92 -24.31
C LEU A 1017 -1.65 -0.86 -23.27
N ALA A 1018 -2.05 -2.01 -22.70
CA ALA A 1018 -3.08 -2.12 -21.65
C ALA A 1018 -2.64 -1.41 -20.38
N ILE A 1019 -1.37 -1.58 -19.98
CA ILE A 1019 -0.80 -0.95 -18.80
C ILE A 1019 -0.58 0.53 -19.08
N ARG A 1020 -0.16 0.86 -20.29
CA ARG A 1020 0.04 2.25 -20.74
C ARG A 1020 -1.27 3.03 -20.56
N GLN A 1021 -2.43 2.39 -20.83
CA GLN A 1021 -3.77 2.97 -20.68
C GLN A 1021 -4.15 3.21 -19.20
N HIS A 1022 -3.49 2.51 -18.25
CA HIS A 1022 -3.71 2.63 -16.79
C HIS A 1022 -2.48 3.19 -16.05
N ALA A 1023 -1.65 3.98 -16.75
CA ALA A 1023 -0.42 4.55 -16.21
C ALA A 1023 -0.61 5.44 -14.98
N ASN A 1024 -1.68 6.23 -14.94
CA ASN A 1024 -1.99 7.16 -13.84
C ASN A 1024 -2.10 6.42 -12.53
N LEU A 1025 -2.76 5.25 -12.57
CA LEU A 1025 -2.92 4.37 -11.42
C LEU A 1025 -1.55 3.95 -10.91
N PHE A 1026 -0.71 3.38 -11.81
CA PHE A 1026 0.63 2.88 -11.45
C PHE A 1026 1.52 3.99 -10.90
N ILE A 1027 1.51 5.17 -11.53
CA ILE A 1027 2.25 6.34 -11.07
C ILE A 1027 1.77 6.71 -9.65
N ASN A 1028 0.42 6.75 -9.45
CA ASN A 1028 -0.18 7.09 -8.15
C ASN A 1028 0.20 6.07 -7.06
N LEU A 1029 0.16 4.76 -7.37
CA LEU A 1029 0.54 3.71 -6.43
C LEU A 1029 1.97 3.86 -5.94
N PHE A 1030 2.91 4.26 -6.84
CA PHE A 1030 4.32 4.49 -6.53
C PHE A 1030 4.53 5.78 -5.75
N SER A 1031 3.79 6.86 -6.10
CA SER A 1031 3.86 8.19 -5.47
C SER A 1031 3.43 8.16 -4.01
N MET A 1032 2.44 7.31 -3.71
CA MET A 1032 1.89 7.13 -2.36
C MET A 1032 2.88 6.39 -1.48
N MET A 1033 3.92 5.79 -2.09
CA MET A 1033 4.98 5.02 -1.43
C MET A 1033 6.27 5.79 -1.19
N LEU A 1034 6.32 7.09 -1.54
CA LEU A 1034 7.50 7.95 -1.33
C LEU A 1034 7.84 8.19 0.15
N GLY A 1035 6.84 8.12 1.00
CA GLY A 1035 7.01 8.33 2.44
C GLY A 1035 7.84 7.24 3.08
N SER A 1036 7.71 6.01 2.53
CA SER A 1036 8.43 4.83 2.95
C SER A 1036 9.92 4.99 2.66
N GLY A 1037 10.75 4.43 3.51
CA GLY A 1037 12.19 4.53 3.33
C GLY A 1037 12.76 3.54 2.33
N MET A 1038 12.11 3.39 1.16
CA MET A 1038 12.60 2.47 0.14
C MET A 1038 13.77 3.10 -0.62
N PRO A 1039 14.92 2.40 -0.73
CA PRO A 1039 16.11 3.03 -1.38
C PRO A 1039 15.99 3.33 -2.88
N GLU A 1040 15.12 2.62 -3.62
CA GLU A 1040 14.96 2.83 -5.08
C GLU A 1040 13.78 3.75 -5.44
N LEU A 1041 13.02 4.20 -4.42
CA LEU A 1041 11.85 5.05 -4.56
C LEU A 1041 11.96 6.15 -3.50
N GLN A 1042 12.75 7.17 -3.81
CA GLN A 1042 13.06 8.27 -2.89
C GLN A 1042 12.54 9.61 -3.38
N SER A 1043 12.58 9.82 -4.71
CA SER A 1043 12.15 11.04 -5.37
C SER A 1043 11.12 10.74 -6.47
N PHE A 1044 10.52 11.79 -7.04
CA PHE A 1044 9.57 11.64 -8.15
C PHE A 1044 10.29 11.19 -9.42
N ASP A 1045 11.61 11.45 -9.51
CA ASP A 1045 12.48 11.07 -10.64
C ASP A 1045 12.70 9.57 -10.73
N ASP A 1046 12.59 8.87 -9.60
CA ASP A 1046 12.70 7.42 -9.57
C ASP A 1046 11.41 6.86 -10.21
N ILE A 1047 10.25 7.53 -9.96
CA ILE A 1047 8.95 7.18 -10.55
C ILE A 1047 8.95 7.51 -12.05
N ALA A 1048 9.69 8.59 -12.45
CA ALA A 1048 9.85 9.01 -13.85
C ALA A 1048 10.24 7.87 -14.79
N TYR A 1049 10.93 6.85 -14.27
CA TYR A 1049 11.33 5.67 -15.01
C TYR A 1049 10.15 4.98 -15.72
N ILE A 1050 8.97 4.96 -15.08
CA ILE A 1050 7.74 4.37 -15.62
C ILE A 1050 7.19 5.24 -16.75
N ARG A 1051 7.38 6.58 -16.68
CA ARG A 1051 6.98 7.50 -17.74
C ARG A 1051 7.77 7.15 -19.01
N LYS A 1052 9.07 6.85 -18.86
CA LYS A 1052 9.96 6.46 -19.95
C LYS A 1052 9.57 5.09 -20.51
N THR A 1053 9.45 4.05 -19.65
CA THR A 1053 9.13 2.69 -20.11
C THR A 1053 7.74 2.61 -20.71
N LEU A 1054 6.79 3.41 -20.21
CA LEU A 1054 5.44 3.44 -20.76
C LEU A 1054 5.29 4.48 -21.88
N ALA A 1055 6.39 5.16 -22.26
CA ALA A 1055 6.44 6.16 -23.35
C ALA A 1055 5.22 7.08 -23.37
N LEU A 1056 4.94 7.75 -22.25
CA LEU A 1056 3.77 8.61 -22.07
C LEU A 1056 3.84 9.94 -22.84
N ASP A 1057 5.05 10.45 -23.11
CA ASP A 1057 5.23 11.69 -23.89
C ASP A 1057 5.07 11.44 -25.39
N LYS A 1058 5.13 10.17 -25.81
CA LYS A 1058 4.99 9.72 -27.19
C LYS A 1058 3.54 9.31 -27.45
N THR A 1059 3.18 9.08 -28.73
CA THR A 1059 1.83 8.61 -29.10
C THR A 1059 1.79 7.10 -28.87
N GLU A 1060 0.60 6.48 -28.98
CA GLU A 1060 0.41 5.04 -28.78
C GLU A 1060 1.21 4.18 -29.75
N GLN A 1061 1.25 4.55 -31.06
CA GLN A 1061 2.03 3.80 -32.05
C GLN A 1061 3.52 4.00 -31.79
N GLU A 1062 3.92 5.22 -31.42
CA GLU A 1062 5.31 5.57 -31.09
C GLU A 1062 5.77 4.78 -29.86
N ALA A 1063 4.83 4.49 -28.93
CA ALA A 1063 5.06 3.71 -27.71
C ALA A 1063 5.28 2.24 -28.04
N LEU A 1064 4.47 1.70 -28.98
CA LEU A 1064 4.57 0.32 -29.49
C LEU A 1064 5.90 0.15 -30.20
N GLU A 1065 6.27 1.15 -31.03
CA GLU A 1065 7.52 1.19 -31.79
C GLU A 1065 8.71 1.19 -30.82
N TYR A 1066 8.61 1.97 -29.73
CA TYR A 1066 9.64 2.09 -28.70
C TYR A 1066 9.89 0.76 -28.01
N PHE A 1067 8.81 0.09 -27.54
CA PHE A 1067 8.88 -1.21 -26.87
C PHE A 1067 9.58 -2.25 -27.74
N MET A 1068 9.21 -2.31 -29.04
CA MET A 1068 9.79 -3.22 -30.03
C MET A 1068 11.29 -3.01 -30.17
N LYS A 1069 11.75 -1.75 -30.17
CA LYS A 1069 13.18 -1.42 -30.27
C LYS A 1069 13.90 -1.89 -28.99
N GLN A 1070 13.26 -1.72 -27.81
CA GLN A 1070 13.81 -2.17 -26.53
C GLN A 1070 14.01 -3.69 -26.56
N MET A 1071 13.02 -4.43 -27.08
CA MET A 1071 13.06 -5.88 -27.22
C MET A 1071 14.06 -6.33 -28.26
N ASN A 1072 14.06 -5.69 -29.45
CA ASN A 1072 14.95 -6.01 -30.59
C ASN A 1072 16.41 -5.82 -30.22
N ASP A 1073 16.76 -4.69 -29.56
CA ASP A 1073 18.13 -4.41 -29.11
C ASP A 1073 18.61 -5.47 -28.12
N ALA A 1074 17.78 -5.79 -27.10
CA ALA A 1074 18.08 -6.76 -26.03
C ALA A 1074 18.32 -8.19 -26.54
N HIS A 1075 17.47 -8.65 -27.48
CA HIS A 1075 17.50 -10.00 -28.05
C HIS A 1075 18.38 -10.10 -29.30
N HIS A 1076 19.00 -8.97 -29.71
CA HIS A 1076 19.86 -8.85 -30.90
C HIS A 1076 19.08 -9.35 -32.12
N GLY A 1077 17.88 -8.78 -32.29
CA GLY A 1077 16.96 -9.13 -33.37
C GLY A 1077 15.69 -9.81 -32.90
N GLY A 1078 14.87 -10.23 -33.86
CA GLY A 1078 13.63 -10.95 -33.63
C GLY A 1078 12.38 -10.08 -33.51
N TRP A 1079 12.54 -8.82 -33.04
CA TRP A 1079 11.45 -7.87 -32.83
C TRP A 1079 11.59 -6.66 -33.75
#